data_8BN7
#
_entry.id   8BN7
#
_cell.length_a   126.332
_cell.length_b   175.709
_cell.length_c   115.283
_cell.angle_alpha   90.000
_cell.angle_beta   90.000
_cell.angle_gamma   90.000
#
_symmetry.space_group_name_H-M   'C 2 2 21'
#
loop_
_entity.id
_entity.type
_entity.pdbx_description
1 polymer 'Cellulase, putative, cel5C'
2 water water
#
_entity_poly.entity_id   1
_entity_poly.type   'polypeptide(L)'
_entity_poly.pdbx_seq_one_letter_code
;MDNAWQNTSGWWNAGDVPAFDKRQLSRQLPLIRVDGNRFVDEQGNVQIFRGVSISDPNKLAKDQHFNKKHFDVIRSWGTN
VVRIPVHPSAWRERGVKGYLELLDQAITWNNELGMYTIIDWHSMGNLKSEMFQNSMYHTSKGETFDFWRRVSERYNGINS
VAFYEIFNEPTVFSGRLGIVSWAEWKAINEEAITIIQAHNPNAISLVAGFNWAYDLREAAANPIERNNVAYVSHPYPQKV
GAPYQANWERDFGFMADKYPVFATEIGYQLASDKGAHIPVIDDGSYGPRITDYFAKKGISWVAWVFDPDWSPQMIKSWDY
EPTMQGEHFRKVMLKENKLEHHHHHH
;
_entity_poly.pdbx_strand_id   CCC,AAA,BBB
#
# COMPACT_ATOMS: atom_id res chain seq x y z
N GLN A 6 -15.48 23.69 14.50
CA GLN A 6 -14.55 24.75 14.97
C GLN A 6 -15.36 26.06 15.16
N ASN A 7 -16.08 26.20 16.27
CA ASN A 7 -16.65 27.50 16.73
C ASN A 7 -15.48 28.35 17.27
N THR A 8 -15.21 28.21 18.58
CA THR A 8 -14.02 28.69 19.32
C THR A 8 -13.32 27.47 19.93
N SER A 9 -13.32 26.35 19.20
CA SER A 9 -12.85 25.01 19.63
C SER A 9 -11.63 24.53 18.80
N GLY A 10 -11.41 25.08 17.59
CA GLY A 10 -10.27 24.75 16.71
C GLY A 10 -9.01 25.48 17.17
N TRP A 11 -7.83 24.95 16.85
CA TRP A 11 -6.53 25.55 17.26
C TRP A 11 -6.41 27.03 16.87
N TRP A 12 -7.00 27.44 15.75
CA TRP A 12 -6.77 28.78 15.14
C TRP A 12 -7.78 29.81 15.66
N ASN A 13 -8.87 29.40 16.32
CA ASN A 13 -9.93 30.35 16.74
C ASN A 13 -10.27 30.16 18.22
N ALA A 14 -9.67 29.20 18.93
CA ALA A 14 -9.99 28.94 20.36
C ALA A 14 -9.73 30.22 21.14
N GLY A 15 -10.66 30.53 22.06
CA GLY A 15 -10.59 31.67 23.01
C GLY A 15 -9.37 31.60 23.92
N ASP A 16 -9.30 32.50 24.90
CA ASP A 16 -8.41 32.36 26.08
C ASP A 16 -8.82 31.05 26.75
N VAL A 17 -7.85 30.22 27.14
CA VAL A 17 -8.10 28.93 27.84
C VAL A 17 -7.71 29.11 29.31
N PRO A 18 -8.60 28.83 30.30
CA PRO A 18 -8.23 29.04 31.72
C PRO A 18 -6.94 28.27 32.01
N ALA A 19 -5.96 28.86 32.69
CA ALA A 19 -4.70 28.18 33.06
C ALA A 19 -5.07 26.93 33.86
N PHE A 20 -4.12 26.01 34.04
CA PHE A 20 -4.30 24.79 34.87
C PHE A 20 -4.20 25.19 36.35
N ASP A 21 -5.19 24.80 37.16
CA ASP A 21 -5.14 25.05 38.63
C ASP A 21 -4.26 23.93 39.24
N LYS A 22 -3.02 24.28 39.56
CA LYS A 22 -1.95 23.46 40.20
C LYS A 22 -2.22 23.24 41.70
N ARG A 23 -3.32 23.77 42.25
CA ARG A 23 -3.80 23.52 43.63
C ARG A 23 -4.52 22.16 43.69
N GLN A 24 -4.67 21.43 42.58
CA GLN A 24 -5.11 20.01 42.58
C GLN A 24 -3.95 19.06 42.91
N LEU A 25 -2.70 19.51 42.78
CA LEU A 25 -1.49 18.64 42.88
C LEU A 25 -0.86 18.82 44.27
N SER A 26 -0.42 17.73 44.88
CA SER A 26 0.25 17.71 46.20
C SER A 26 1.68 17.20 46.07
N ARG A 27 2.01 16.63 44.91
CA ARG A 27 3.22 15.83 44.62
C ARG A 27 4.03 16.58 43.55
N GLN A 28 5.33 16.66 43.75
CA GLN A 28 6.31 17.10 42.75
C GLN A 28 7.33 15.96 42.68
N LEU A 29 7.28 15.15 41.63
CA LEU A 29 8.25 14.06 41.38
C LEU A 29 9.60 14.66 41.05
N PRO A 30 10.70 13.90 41.16
CA PRO A 30 12.01 14.44 40.81
C PRO A 30 12.06 14.88 39.34
N LEU A 31 12.72 16.00 39.08
CA LEU A 31 13.07 16.52 37.74
C LEU A 31 14.02 15.53 37.06
N ILE A 32 13.62 15.06 35.89
CA ILE A 32 14.43 14.23 34.97
C ILE A 32 15.04 15.15 33.93
N ARG A 33 16.29 14.87 33.55
CA ARG A 33 16.95 15.52 32.39
CA ARG A 33 16.96 15.53 32.39
C ARG A 33 17.72 14.46 31.61
N VAL A 34 18.02 14.76 30.36
CA VAL A 34 18.97 13.96 29.54
C VAL A 34 20.40 14.39 29.92
N ASP A 35 21.24 13.40 30.24
CA ASP A 35 22.71 13.55 30.42
C ASP A 35 23.39 12.53 29.51
N GLY A 36 23.95 13.02 28.40
CA GLY A 36 24.47 12.22 27.28
C GLY A 36 23.50 11.13 26.85
N ASN A 37 23.78 9.94 27.34
CA ASN A 37 23.34 8.58 26.96
C ASN A 37 22.02 8.21 27.65
N ARG A 38 21.70 8.86 28.76
CA ARG A 38 20.68 8.35 29.71
C ARG A 38 19.84 9.47 30.32
N PHE A 39 18.69 9.09 30.89
CA PHE A 39 17.88 9.97 31.77
C PHE A 39 18.49 9.92 33.16
N VAL A 40 18.66 11.06 33.82
CA VAL A 40 19.10 11.11 35.24
C VAL A 40 18.22 12.08 36.03
N ASP A 41 18.19 11.89 37.35
CA ASP A 41 17.48 12.80 38.29
C ASP A 41 18.43 13.91 38.76
N GLU A 42 18.08 14.67 39.79
CA GLU A 42 18.93 15.83 40.24
C GLU A 42 20.24 15.32 40.86
N GLN A 43 20.33 14.05 41.29
CA GLN A 43 21.56 13.48 41.91
C GLN A 43 22.45 12.80 40.87
N GLY A 44 22.00 12.68 39.62
CA GLY A 44 22.77 12.06 38.53
C GLY A 44 22.59 10.55 38.50
N ASN A 45 21.60 10.03 39.24
CA ASN A 45 21.18 8.59 39.22
C ASN A 45 20.40 8.31 37.93
N VAL A 46 20.76 7.22 37.26
CA VAL A 46 20.12 6.79 35.98
C VAL A 46 18.67 6.45 36.31
N GLN A 47 17.73 6.93 35.50
CA GLN A 47 16.33 6.51 35.58
C GLN A 47 16.00 5.74 34.31
N ILE A 48 15.34 4.59 34.47
CA ILE A 48 14.71 3.80 33.38
C ILE A 48 13.20 3.79 33.59
N PHE A 49 12.44 4.11 32.54
CA PHE A 49 10.97 4.21 32.59
C PHE A 49 10.42 2.97 31.87
N ARG A 50 9.46 2.32 32.53
CA ARG A 50 8.75 1.09 32.07
C ARG A 50 7.28 1.33 32.39
N GLY A 51 6.44 1.51 31.36
CA GLY A 51 5.06 1.93 31.58
C GLY A 51 4.10 1.47 30.51
N VAL A 52 2.95 2.15 30.44
CA VAL A 52 1.84 1.76 29.52
C VAL A 52 1.29 3.04 28.87
N SER A 53 0.79 2.90 27.65
CA SER A 53 -0.18 3.85 27.04
C SER A 53 -1.58 3.57 27.56
N ILE A 54 -2.28 4.57 28.06
CA ILE A 54 -3.77 4.53 28.08
C ILE A 54 -4.24 4.67 26.63
N SER A 55 -5.50 4.33 26.38
CA SER A 55 -6.22 4.74 25.16
C SER A 55 -6.41 6.26 25.26
N ASP A 56 -6.78 6.89 24.15
CA ASP A 56 -7.08 8.34 24.11
C ASP A 56 -8.07 8.64 25.21
N PRO A 57 -7.81 9.62 26.11
CA PRO A 57 -8.81 10.04 27.07
C PRO A 57 -10.22 10.25 26.49
N ASN A 58 -10.33 10.70 25.24
CA ASN A 58 -11.63 10.85 24.55
C ASN A 58 -12.39 9.50 24.52
N LYS A 59 -11.70 8.41 24.24
CA LYS A 59 -12.31 7.05 24.27
C LYS A 59 -12.64 6.65 25.72
N LEU A 60 -11.72 6.81 26.67
CA LEU A 60 -11.94 6.44 28.09
C LEU A 60 -13.22 7.11 28.61
N ALA A 61 -13.39 8.41 28.35
CA ALA A 61 -14.53 9.19 28.86
C ALA A 61 -15.82 8.64 28.24
N LYS A 62 -15.81 8.34 26.94
CA LYS A 62 -16.98 7.73 26.25
C LYS A 62 -17.32 6.35 26.84
N ASP A 63 -16.30 5.55 27.18
CA ASP A 63 -16.45 4.18 27.72
C ASP A 63 -16.81 4.21 29.22
N GLN A 64 -16.82 5.40 29.83
CA GLN A 64 -17.09 5.61 31.28
C GLN A 64 -15.99 4.98 32.13
N HIS A 65 -14.74 4.91 31.68
CA HIS A 65 -13.62 4.43 32.54
C HIS A 65 -12.57 5.53 32.73
N PHE A 66 -12.86 6.77 32.37
CA PHE A 66 -11.99 7.92 32.68
C PHE A 66 -12.19 8.30 34.16
N ASN A 67 -11.65 7.50 35.07
CA ASN A 67 -11.86 7.70 36.54
C ASN A 67 -10.57 7.31 37.28
N LYS A 68 -10.47 7.67 38.56
CA LYS A 68 -9.27 7.43 39.38
C LYS A 68 -8.97 5.93 39.44
N LYS A 69 -10.01 5.08 39.45
CA LYS A 69 -9.84 3.61 39.63
C LYS A 69 -9.00 3.06 38.46
N HIS A 70 -9.26 3.55 37.24
CA HIS A 70 -8.51 3.16 36.02
C HIS A 70 -7.02 3.39 36.26
N PHE A 71 -6.68 4.56 36.76
CA PHE A 71 -5.26 4.96 37.01
C PHE A 71 -4.68 4.21 38.21
N ASP A 72 -5.46 3.90 39.27
CA ASP A 72 -5.01 3.11 40.44
C ASP A 72 -4.58 1.72 39.97
N VAL A 73 -5.37 1.10 39.08
CA VAL A 73 -5.01 -0.24 38.55
C VAL A 73 -3.69 -0.13 37.81
N ILE A 74 -3.55 0.89 36.94
CA ILE A 74 -2.29 1.08 36.17
C ILE A 74 -1.13 1.16 37.16
N ARG A 75 -1.23 2.03 38.16
CA ARG A 75 -0.19 2.15 39.22
C ARG A 75 0.07 0.78 39.89
N SER A 76 -0.96 0.01 40.22
CA SER A 76 -0.84 -1.30 40.92
C SER A 76 -0.09 -2.30 40.04
N TRP A 77 0.10 -2.04 38.73
CA TRP A 77 0.93 -2.92 37.85
C TRP A 77 2.42 -2.56 37.93
N GLY A 78 2.82 -1.57 38.73
CA GLY A 78 4.23 -1.16 38.88
C GLY A 78 4.59 -0.01 37.93
N THR A 79 3.69 0.36 37.02
CA THR A 79 3.83 1.43 36.00
C THR A 79 4.46 2.68 36.61
N ASN A 80 5.61 3.14 36.09
CA ASN A 80 6.23 4.44 36.52
C ASN A 80 6.09 5.51 35.44
N VAL A 81 5.43 5.22 34.31
CA VAL A 81 5.16 6.25 33.26
C VAL A 81 3.88 5.87 32.51
N VAL A 82 3.00 6.85 32.34
CA VAL A 82 1.78 6.70 31.52
C VAL A 82 1.92 7.58 30.26
N ARG A 83 1.70 6.98 29.10
CA ARG A 83 1.69 7.68 27.79
C ARG A 83 0.25 8.00 27.40
N ILE A 84 -0.02 9.26 27.07
CA ILE A 84 -1.38 9.75 26.71
C ILE A 84 -1.43 10.04 25.21
N PRO A 85 -1.98 9.13 24.39
CA PRO A 85 -2.02 9.34 22.93
C PRO A 85 -3.17 10.26 22.52
N VAL A 86 -2.88 11.54 22.42
CA VAL A 86 -3.84 12.56 21.96
C VAL A 86 -3.98 12.45 20.43
N HIS A 87 -5.06 11.84 19.93
CA HIS A 87 -5.37 11.75 18.48
C HIS A 87 -5.88 13.13 18.04
N PRO A 88 -5.25 13.77 17.03
CA PRO A 88 -5.70 15.09 16.57
C PRO A 88 -7.22 15.19 16.28
N SER A 89 -7.79 14.09 15.80
CA SER A 89 -9.24 13.83 15.57
C SER A 89 -10.06 14.08 16.86
N ALA A 90 -9.62 13.50 17.98
CA ALA A 90 -10.22 13.65 19.33
C ALA A 90 -10.01 15.07 19.86
N TRP A 91 -8.83 15.65 19.64
CA TRP A 91 -8.52 17.07 19.96
C TRP A 91 -9.56 17.97 19.28
N ARG A 92 -9.93 17.67 18.03
CA ARG A 92 -10.92 18.49 17.28
CA ARG A 92 -10.92 18.49 17.28
C ARG A 92 -12.34 18.18 17.81
N GLU A 93 -12.64 16.90 18.06
CA GLU A 93 -13.98 16.47 18.49
C GLU A 93 -14.34 17.15 19.82
N ARG A 94 -13.46 17.15 20.81
CA ARG A 94 -13.72 17.77 22.13
C ARG A 94 -13.48 19.28 22.10
N GLY A 95 -12.70 19.76 21.12
CA GLY A 95 -12.21 21.14 21.14
C GLY A 95 -11.09 21.36 22.15
N VAL A 96 -10.33 22.43 21.93
CA VAL A 96 -9.09 22.71 22.69
C VAL A 96 -9.45 22.67 24.19
N LYS A 97 -10.44 23.45 24.60
CA LYS A 97 -10.82 23.68 26.00
C LYS A 97 -11.26 22.35 26.61
N GLY A 98 -12.18 21.67 25.93
CA GLY A 98 -12.76 20.38 26.34
C GLY A 98 -11.69 19.30 26.45
N TYR A 99 -10.74 19.26 25.50
CA TYR A 99 -9.67 18.24 25.53
C TYR A 99 -8.70 18.52 26.68
N LEU A 100 -8.36 19.77 26.91
CA LEU A 100 -7.37 20.10 27.97
C LEU A 100 -7.97 19.78 29.35
N GLU A 101 -9.29 19.80 29.52
CA GLU A 101 -9.94 19.35 30.78
C GLU A 101 -9.63 17.86 30.99
N LEU A 102 -9.74 17.03 29.96
CA LEU A 102 -9.39 15.59 30.05
C LEU A 102 -7.91 15.46 30.42
N LEU A 103 -7.03 16.19 29.72
CA LEU A 103 -5.56 16.01 29.80
C LEU A 103 -5.09 16.45 31.18
N ASP A 104 -5.59 17.58 31.67
CA ASP A 104 -5.40 18.06 33.07
C ASP A 104 -5.72 16.95 34.09
N GLN A 105 -6.88 16.29 33.94
CA GLN A 105 -7.37 15.28 34.93
C GLN A 105 -6.47 14.06 34.84
N ALA A 106 -6.16 13.57 33.63
CA ALA A 106 -5.25 12.42 33.44
C ALA A 106 -3.92 12.70 34.13
N ILE A 107 -3.35 13.86 33.87
CA ILE A 107 -2.02 14.27 34.41
C ILE A 107 -2.10 14.39 35.94
N THR A 108 -3.20 14.90 36.47
CA THR A 108 -3.42 15.04 37.93
C THR A 108 -3.37 13.62 38.56
N TRP A 109 -4.06 12.67 37.96
CA TRP A 109 -4.15 11.29 38.51
C TRP A 109 -2.76 10.64 38.45
N ASN A 110 -2.10 10.73 37.30
CA ASN A 110 -0.72 10.20 37.15
C ASN A 110 0.16 10.80 38.27
N ASN A 111 0.18 12.11 38.36
CA ASN A 111 1.06 12.88 39.28
C ASN A 111 0.83 12.38 40.72
N GLU A 112 -0.42 12.33 41.15
CA GLU A 112 -0.76 11.95 42.55
C GLU A 112 -0.36 10.48 42.78
N LEU A 113 -0.32 9.64 41.74
CA LEU A 113 0.02 8.21 41.89
C LEU A 113 1.52 7.98 41.76
N GLY A 114 2.32 9.03 41.59
CA GLY A 114 3.80 8.93 41.46
C GLY A 114 4.23 8.47 40.07
N MET A 115 3.40 8.68 39.05
CA MET A 115 3.70 8.24 37.65
C MET A 115 4.05 9.47 36.79
N TYR A 116 5.15 9.36 36.06
CA TYR A 116 5.52 10.33 35.00
C TYR A 116 4.53 10.18 33.83
N THR A 117 4.40 11.25 33.05
CA THR A 117 3.53 11.37 31.86
C THR A 117 4.38 11.60 30.61
N ILE A 118 4.05 10.91 29.52
CA ILE A 118 4.40 11.32 28.14
C ILE A 118 3.12 11.89 27.50
N ILE A 119 3.19 13.12 27.02
CA ILE A 119 2.16 13.69 26.12
C ILE A 119 2.59 13.32 24.70
N ASP A 120 1.78 12.52 24.03
CA ASP A 120 2.05 11.99 22.67
C ASP A 120 1.04 12.63 21.73
N TRP A 121 1.48 13.46 20.80
CA TRP A 121 0.65 13.95 19.68
C TRP A 121 0.48 12.75 18.74
N HIS A 122 -0.61 12.02 18.84
CA HIS A 122 -0.70 10.67 18.25
C HIS A 122 -1.19 10.79 16.81
N SER A 123 -0.31 11.22 15.91
CA SER A 123 -0.56 11.18 14.45
C SER A 123 0.22 10.02 13.86
N MET A 124 0.14 9.90 12.54
CA MET A 124 0.71 8.77 11.80
C MET A 124 0.73 9.15 10.33
N GLY A 125 1.92 9.31 9.76
CA GLY A 125 2.17 9.52 8.33
C GLY A 125 3.18 10.63 8.15
N ASN A 126 2.87 11.55 7.23
CA ASN A 126 3.83 12.55 6.69
C ASN A 126 3.24 13.93 6.92
N LEU A 127 3.62 14.55 8.03
CA LEU A 127 3.09 15.86 8.42
C LEU A 127 3.43 16.87 7.31
N LYS A 128 4.64 16.85 6.79
CA LYS A 128 5.09 17.86 5.82
C LYS A 128 4.14 17.91 4.61
N SER A 129 3.73 16.76 4.08
CA SER A 129 2.91 16.64 2.85
C SER A 129 1.41 16.53 3.20
N GLU A 130 1.09 16.45 4.50
CA GLU A 130 -0.29 16.34 5.03
C GLU A 130 -0.98 15.07 4.50
N MET A 131 -0.28 13.95 4.55
CA MET A 131 -0.86 12.63 4.20
C MET A 131 -0.70 11.70 5.41
N PHE A 132 -1.83 11.23 5.93
CA PHE A 132 -1.94 10.47 7.21
C PHE A 132 -2.47 9.08 6.90
N GLN A 133 -2.14 8.11 7.76
CA GLN A 133 -2.62 6.71 7.58
C GLN A 133 -4.14 6.72 7.41
N ASN A 134 -4.81 7.63 8.10
CA ASN A 134 -6.27 7.61 8.26
C ASN A 134 -6.72 8.97 8.83
N SER A 135 -7.97 9.37 8.59
CA SER A 135 -8.60 10.65 9.02
C SER A 135 -8.43 10.88 10.53
N MET A 136 -8.39 9.82 11.33
CA MET A 136 -8.33 9.94 12.81
C MET A 136 -6.94 10.51 13.24
N TYR A 137 -5.95 10.47 12.35
CA TYR A 137 -4.58 10.98 12.59
C TYR A 137 -4.34 12.34 11.91
N HIS A 138 -5.30 12.81 11.10
CA HIS A 138 -5.15 14.02 10.28
C HIS A 138 -4.76 15.22 11.15
N THR A 139 -3.71 15.93 10.75
CA THR A 139 -3.31 17.19 11.42
C THR A 139 -2.62 18.08 10.39
N SER A 140 -2.07 19.18 10.87
CA SER A 140 -1.31 20.15 10.05
C SER A 140 -0.15 20.64 10.91
N LYS A 141 0.87 21.20 10.29
CA LYS A 141 2.01 21.86 10.96
C LYS A 141 1.46 22.91 11.95
N GLY A 142 0.51 23.71 11.53
CA GLY A 142 -0.08 24.75 12.38
C GLY A 142 -0.72 24.17 13.63
N GLU A 143 -1.50 23.11 13.45
CA GLU A 143 -2.25 22.48 14.57
C GLU A 143 -1.25 21.81 15.49
N THR A 144 -0.22 21.17 14.92
CA THR A 144 0.84 20.47 15.67
C THR A 144 1.63 21.48 16.53
N PHE A 145 2.11 22.55 15.93
CA PHE A 145 2.87 23.59 16.66
C PHE A 145 1.97 24.17 17.75
N ASP A 146 0.71 24.45 17.42
CA ASP A 146 -0.26 25.05 18.37
C ASP A 146 -0.44 24.11 19.57
N PHE A 147 -0.65 22.82 19.32
CA PHE A 147 -0.77 21.84 20.42
C PHE A 147 0.44 21.94 21.36
N TRP A 148 1.67 21.90 20.82
CA TRP A 148 2.90 21.88 21.63
C TRP A 148 3.05 23.23 22.36
N ARG A 149 2.66 24.33 21.74
CA ARG A 149 2.63 25.65 22.41
C ARG A 149 1.73 25.61 23.65
N ARG A 150 0.54 25.04 23.53
CA ARG A 150 -0.46 25.07 24.62
C ARG A 150 -0.01 24.14 25.76
N VAL A 151 0.36 22.90 25.45
CA VAL A 151 0.64 21.90 26.53
C VAL A 151 2.00 22.21 27.19
N SER A 152 3.00 22.64 26.43
CA SER A 152 4.34 22.97 27.01
C SER A 152 4.22 24.09 28.05
N GLU A 153 3.43 25.12 27.77
CA GLU A 153 3.18 26.21 28.74
C GLU A 153 2.33 25.72 29.93
N ARG A 154 1.23 25.04 29.64
CA ARG A 154 0.21 24.65 30.64
C ARG A 154 0.85 23.78 31.74
N TYR A 155 1.77 22.87 31.41
CA TYR A 155 2.32 21.87 32.36
C TYR A 155 3.75 22.26 32.75
N ASN A 156 4.20 23.45 32.39
CA ASN A 156 5.53 23.96 32.80
C ASN A 156 5.63 23.93 34.33
N GLY A 157 6.70 23.34 34.85
CA GLY A 157 6.99 23.26 36.30
C GLY A 157 6.42 22.02 36.95
N ILE A 158 5.70 21.17 36.21
CA ILE A 158 5.23 19.84 36.72
C ILE A 158 6.21 18.78 36.25
N ASN A 159 7.15 18.42 37.12
CA ASN A 159 8.27 17.54 36.76
C ASN A 159 7.71 16.22 36.24
N SER A 160 6.58 15.75 36.77
CA SER A 160 5.99 14.45 36.38
C SER A 160 5.64 14.47 34.89
N VAL A 161 5.28 15.63 34.34
CA VAL A 161 5.00 15.80 32.88
C VAL A 161 6.36 16.09 32.24
N ALA A 162 7.15 15.05 32.06
CA ALA A 162 8.60 15.11 31.78
C ALA A 162 8.86 15.08 30.28
N PHE A 163 7.98 14.40 29.53
CA PHE A 163 8.27 13.93 28.15
C PHE A 163 7.20 14.43 27.18
N TYR A 164 7.66 14.97 26.05
CA TYR A 164 6.84 15.60 24.99
C TYR A 164 7.18 14.87 23.69
N GLU A 165 6.28 13.97 23.23
CA GLU A 165 6.52 13.09 22.07
C GLU A 165 5.93 13.76 20.83
N ILE A 166 6.80 14.44 20.08
CA ILE A 166 6.45 15.43 19.01
C ILE A 166 5.40 14.85 18.06
N PHE A 167 5.57 13.62 17.59
CA PHE A 167 4.69 13.05 16.53
C PHE A 167 4.83 11.51 16.50
N ASN A 168 3.79 10.82 16.94
CA ASN A 168 3.78 9.36 17.27
C ASN A 168 4.58 8.57 16.20
N GLU A 169 4.06 8.46 14.98
CA GLU A 169 4.60 7.50 13.97
C GLU A 169 4.76 8.16 12.60
N PRO A 170 5.95 8.71 12.33
CA PRO A 170 6.26 9.23 11.00
C PRO A 170 6.36 8.04 10.03
N THR A 171 5.76 8.16 8.86
CA THR A 171 5.90 7.17 7.78
C THR A 171 5.48 7.80 6.45
N VAL A 172 6.05 7.32 5.36
CA VAL A 172 5.62 7.68 3.97
C VAL A 172 4.94 6.47 3.34
N PHE A 173 4.91 5.33 4.05
CA PHE A 173 4.23 4.10 3.59
C PHE A 173 4.69 3.81 2.15
N SER A 174 5.99 3.80 1.90
CA SER A 174 6.63 3.40 0.62
C SER A 174 6.15 4.32 -0.52
N GLY A 175 5.82 5.58 -0.19
CA GLY A 175 5.44 6.62 -1.18
C GLY A 175 3.94 6.86 -1.25
N ARG A 176 3.12 6.00 -0.66
CA ARG A 176 1.65 6.17 -0.67
CA ARG A 176 1.65 6.17 -0.67
C ARG A 176 1.32 7.47 0.04
N LEU A 177 2.12 7.85 1.05
CA LEU A 177 1.93 9.14 1.78
C LEU A 177 3.00 10.14 1.37
N GLY A 178 3.53 10.02 0.14
CA GLY A 178 4.37 11.05 -0.47
C GLY A 178 5.84 10.96 -0.05
N ILE A 179 6.48 12.11 0.08
CA ILE A 179 7.96 12.25 0.20
C ILE A 179 8.30 13.22 1.34
N VAL A 180 9.26 12.85 2.17
CA VAL A 180 9.87 13.73 3.20
C VAL A 180 11.26 13.17 3.53
N SER A 181 12.29 14.00 3.46
CA SER A 181 13.66 13.62 3.86
C SER A 181 13.75 13.65 5.39
N TRP A 182 14.68 12.87 5.96
CA TRP A 182 15.07 13.04 7.38
C TRP A 182 15.44 14.51 7.63
N ALA A 183 16.14 15.18 6.73
CA ALA A 183 16.58 16.60 6.91
C ALA A 183 15.35 17.49 7.14
N GLU A 184 14.30 17.32 6.34
CA GLU A 184 13.04 18.12 6.48
C GLU A 184 12.36 17.81 7.82
N TRP A 185 12.31 16.53 8.19
CA TRP A 185 11.70 16.05 9.46
C TRP A 185 12.49 16.62 10.66
N LYS A 186 13.81 16.62 10.57
CA LYS A 186 14.72 17.18 11.60
C LYS A 186 14.34 18.65 11.85
N ALA A 187 14.15 19.43 10.79
CA ALA A 187 13.84 20.88 10.87
C ALA A 187 12.49 21.08 11.57
N ILE A 188 11.49 20.27 11.22
CA ILE A 188 10.15 20.34 11.86
C ILE A 188 10.29 20.00 13.35
N ASN A 189 10.95 18.91 13.69
CA ASN A 189 11.22 18.54 15.09
C ASN A 189 11.93 19.69 15.82
N GLU A 190 12.94 20.28 15.18
CA GLU A 190 13.74 21.36 15.81
C GLU A 190 12.84 22.54 16.14
N GLU A 191 11.90 22.88 15.25
CA GLU A 191 10.97 24.02 15.50
C GLU A 191 10.01 23.68 16.66
N ALA A 192 9.45 22.48 16.66
CA ALA A 192 8.58 21.97 17.73
C ALA A 192 9.32 22.05 19.07
N ILE A 193 10.59 21.61 19.11
CA ILE A 193 11.38 21.59 20.35
C ILE A 193 11.72 23.04 20.76
N THR A 194 12.02 23.93 19.81
CA THR A 194 12.21 25.37 20.16
C THR A 194 10.94 25.89 20.84
N ILE A 195 9.76 25.59 20.28
CA ILE A 195 8.45 26.04 20.84
C ILE A 195 8.35 25.50 22.27
N ILE A 196 8.57 24.20 22.44
CA ILE A 196 8.42 23.54 23.76
C ILE A 196 9.37 24.21 24.78
N GLN A 197 10.67 24.31 24.45
CA GLN A 197 11.72 24.81 25.37
C GLN A 197 11.50 26.28 25.73
N ALA A 198 10.93 27.09 24.83
CA ALA A 198 10.67 28.53 25.07
C ALA A 198 9.57 28.68 26.13
N HIS A 199 8.64 27.70 26.23
CA HIS A 199 7.54 27.73 27.23
C HIS A 199 7.94 26.92 28.46
N ASN A 200 8.86 25.97 28.29
CA ASN A 200 9.10 24.88 29.28
C ASN A 200 10.57 24.49 29.22
N PRO A 201 11.45 25.26 29.90
CA PRO A 201 12.89 25.00 29.87
C PRO A 201 13.32 23.55 30.16
N ASN A 202 12.57 22.82 30.99
CA ASN A 202 12.94 21.47 31.49
C ASN A 202 12.32 20.34 30.67
N ALA A 203 11.48 20.64 29.69
CA ALA A 203 10.79 19.61 28.88
C ALA A 203 11.81 18.76 28.12
N ILE A 204 11.64 17.45 28.20
CA ILE A 204 12.37 16.43 27.39
C ILE A 204 11.50 16.12 26.18
N SER A 205 12.08 16.11 25.00
CA SER A 205 11.39 15.94 23.71
C SER A 205 11.77 14.56 23.16
N LEU A 206 10.78 13.76 22.75
CA LEU A 206 10.98 12.39 22.17
C LEU A 206 10.75 12.51 20.66
N VAL A 207 11.79 12.22 19.89
CA VAL A 207 11.81 12.38 18.42
C VAL A 207 11.86 11.00 17.78
N ALA A 208 11.08 10.83 16.72
CA ALA A 208 10.94 9.56 15.98
C ALA A 208 11.46 9.70 14.54
N GLY A 209 11.97 8.59 14.01
CA GLY A 209 12.24 8.38 12.58
C GLY A 209 11.09 7.66 11.89
N PHE A 210 11.35 7.12 10.72
CA PHE A 210 10.33 6.71 9.73
C PHE A 210 10.13 5.21 9.88
N ASN A 211 9.42 4.62 8.89
CA ASN A 211 8.91 3.25 8.99
C ASN A 211 8.11 3.11 10.30
N TRP A 212 7.22 4.07 10.56
CA TRP A 212 6.32 4.08 11.73
C TRP A 212 7.14 4.13 13.03
N ALA A 213 8.00 5.15 13.15
CA ALA A 213 8.86 5.39 14.33
C ALA A 213 9.67 4.14 14.67
N TYR A 214 10.27 3.49 13.69
CA TYR A 214 11.04 2.26 13.92
C TYR A 214 12.53 2.59 13.81
N ASP A 215 12.94 3.18 12.67
CA ASP A 215 14.36 3.41 12.28
C ASP A 215 14.96 4.65 12.96
N LEU A 216 16.19 4.52 13.45
CA LEU A 216 16.99 5.66 14.00
C LEU A 216 18.33 5.82 13.28
N ARG A 217 18.59 5.06 12.21
CA ARG A 217 19.85 5.20 11.44
C ARG A 217 19.94 6.59 10.80
N GLU A 218 18.89 7.13 10.22
CA GLU A 218 18.96 8.48 9.58
C GLU A 218 19.12 9.54 10.67
N ALA A 219 18.49 9.37 11.82
CA ALA A 219 18.63 10.28 12.98
C ALA A 219 20.09 10.30 13.47
N ALA A 220 20.72 9.13 13.61
CA ALA A 220 22.11 9.02 14.11
C ALA A 220 23.04 9.77 13.15
N ALA A 221 22.75 9.74 11.86
CA ALA A 221 23.64 10.32 10.82
C ALA A 221 23.46 11.84 10.81
N ASN A 222 22.38 12.37 11.36
CA ASN A 222 22.06 13.82 11.26
C ASN A 222 21.16 14.24 12.41
N PRO A 223 21.69 14.16 13.64
CA PRO A 223 20.85 14.28 14.82
C PRO A 223 20.24 15.67 15.05
N ILE A 224 19.20 15.69 15.86
CA ILE A 224 18.46 16.91 16.28
C ILE A 224 19.45 17.78 17.06
N GLU A 225 19.64 19.04 16.65
CA GLU A 225 20.58 19.99 17.28
C GLU A 225 19.86 20.70 18.41
N ARG A 226 19.38 19.95 19.40
CA ARG A 226 18.75 20.55 20.59
C ARG A 226 19.21 19.75 21.79
N ASN A 227 19.16 20.36 22.98
CA ASN A 227 19.42 19.67 24.27
C ASN A 227 18.12 18.99 24.69
N ASN A 228 18.23 18.03 25.60
CA ASN A 228 17.07 17.36 26.25
C ASN A 228 16.22 16.61 25.21
N VAL A 229 16.88 15.84 24.36
CA VAL A 229 16.24 15.02 23.29
C VAL A 229 16.54 13.54 23.55
N ALA A 230 15.53 12.70 23.41
CA ALA A 230 15.63 11.22 23.39
C ALA A 230 14.97 10.74 22.10
N TYR A 231 15.32 9.54 21.64
CA TYR A 231 14.87 8.98 20.35
C TYR A 231 13.94 7.80 20.59
N VAL A 232 12.89 7.76 19.79
CA VAL A 232 11.77 6.78 19.86
C VAL A 232 12.02 5.66 18.86
N SER A 233 11.65 4.44 19.24
CA SER A 233 11.40 3.34 18.29
C SER A 233 10.13 2.61 18.75
N HIS A 234 9.42 2.02 17.77
CA HIS A 234 8.26 1.14 17.96
C HIS A 234 8.60 -0.22 17.38
N PRO A 235 9.54 -0.96 18.02
CA PRO A 235 9.98 -2.25 17.54
C PRO A 235 8.98 -3.36 17.88
N TYR A 236 7.84 -3.33 17.22
CA TYR A 236 6.79 -4.38 17.27
C TYR A 236 7.35 -5.70 16.72
N PRO A 237 6.81 -6.85 17.17
CA PRO A 237 7.35 -8.17 16.85
C PRO A 237 7.72 -8.48 15.40
N GLN A 238 6.99 -7.92 14.43
CA GLN A 238 7.11 -8.34 13.01
C GLN A 238 7.68 -7.20 12.17
N LYS A 239 8.20 -6.16 12.84
CA LYS A 239 8.90 -5.04 12.14
C LYS A 239 10.12 -5.63 11.45
N VAL A 240 10.82 -6.53 12.16
CA VAL A 240 11.85 -7.45 11.61
C VAL A 240 11.67 -8.85 12.18
N GLY A 241 12.29 -9.83 11.49
CA GLY A 241 12.39 -11.23 11.90
C GLY A 241 13.67 -11.54 12.64
N ALA A 242 13.90 -12.82 12.92
CA ALA A 242 15.16 -13.37 13.50
C ALA A 242 16.28 -13.15 12.51
N PRO A 243 17.51 -12.89 12.99
CA PRO A 243 17.82 -12.81 14.42
C PRO A 243 17.48 -11.43 15.01
N TYR A 244 16.65 -11.44 16.06
CA TYR A 244 15.91 -10.25 16.55
C TYR A 244 16.91 -9.21 17.05
N GLN A 245 17.75 -9.58 18.02
CA GLN A 245 18.61 -8.64 18.76
C GLN A 245 19.56 -7.95 17.78
N ALA A 246 20.14 -8.66 16.81
CA ALA A 246 21.10 -8.08 15.84
C ALA A 246 20.36 -7.09 14.94
N ASN A 247 19.15 -7.46 14.52
CA ASN A 247 18.31 -6.62 13.64
C ASN A 247 17.88 -5.34 14.40
N TRP A 248 17.35 -5.49 15.61
CA TRP A 248 16.99 -4.35 16.49
C TRP A 248 18.20 -3.43 16.70
N GLU A 249 19.35 -4.00 17.06
CA GLU A 249 20.59 -3.23 17.29
C GLU A 249 20.92 -2.39 16.05
N ARG A 250 20.89 -2.98 14.86
CA ARG A 250 21.22 -2.25 13.61
C ARG A 250 20.22 -1.10 13.43
N ASP A 251 18.92 -1.34 13.66
CA ASP A 251 17.84 -0.43 13.20
C ASP A 251 17.65 0.74 14.18
N PHE A 252 17.75 0.50 15.48
CA PHE A 252 17.49 1.54 16.49
C PHE A 252 18.34 1.35 17.75
N GLY A 253 18.60 0.12 18.20
CA GLY A 253 19.22 -0.14 19.51
C GLY A 253 20.58 0.55 19.72
N PHE A 254 21.42 0.57 18.68
CA PHE A 254 22.78 1.20 18.69
C PHE A 254 22.68 2.67 19.14
N MET A 255 21.53 3.31 18.90
CA MET A 255 21.32 4.75 19.22
C MET A 255 21.34 4.92 20.74
N ALA A 256 21.03 3.87 21.51
CA ALA A 256 21.05 3.92 23.01
C ALA A 256 22.46 4.12 23.55
N ASP A 257 23.49 3.94 22.72
CA ASP A 257 24.91 4.17 23.11
C ASP A 257 25.20 5.66 23.15
N LYS A 258 24.43 6.50 22.44
CA LYS A 258 24.74 7.93 22.17
C LYS A 258 23.68 8.85 22.82
N TYR A 259 22.41 8.46 22.74
CA TYR A 259 21.22 9.20 23.26
C TYR A 259 20.33 8.21 24.02
N PRO A 260 19.49 8.67 24.97
CA PRO A 260 18.46 7.80 25.54
C PRO A 260 17.46 7.38 24.44
N VAL A 261 17.05 6.12 24.49
CA VAL A 261 16.00 5.57 23.59
C VAL A 261 14.77 5.26 24.45
N PHE A 262 13.65 5.82 24.04
CA PHE A 262 12.33 5.61 24.67
C PHE A 262 11.46 4.88 23.65
N ALA A 263 11.38 3.55 23.77
CA ALA A 263 10.51 2.68 22.94
C ALA A 263 9.05 2.91 23.39
N THR A 264 8.42 3.97 22.87
CA THR A 264 7.12 4.45 23.39
C THR A 264 5.98 3.53 22.96
N GLU A 265 6.23 2.56 22.07
CA GLU A 265 5.27 1.44 21.83
C GLU A 265 6.04 0.13 21.66
N ILE A 266 5.71 -0.85 22.48
CA ILE A 266 5.96 -2.30 22.24
C ILE A 266 4.68 -3.02 22.65
N GLY A 267 4.38 -4.13 22.00
CA GLY A 267 3.27 -5.00 22.38
C GLY A 267 3.18 -6.18 21.45
N TYR A 268 2.32 -7.14 21.80
CA TYR A 268 2.22 -8.43 21.08
C TYR A 268 0.98 -9.18 21.58
N GLN A 269 0.45 -10.02 20.71
CA GLN A 269 -0.67 -10.94 21.02
C GLN A 269 -0.61 -12.08 19.99
N LEU A 270 -1.35 -13.14 20.26
CA LEU A 270 -1.45 -14.32 19.37
C LEU A 270 -2.23 -13.92 18.13
N ALA A 271 -2.02 -14.64 17.03
CA ALA A 271 -2.72 -14.44 15.74
C ALA A 271 -4.25 -14.61 15.94
N SER A 272 -4.67 -15.40 16.94
CA SER A 272 -6.09 -15.71 17.26
C SER A 272 -6.75 -14.61 18.12
N ASP A 273 -5.97 -13.74 18.78
CA ASP A 273 -6.50 -12.70 19.71
C ASP A 273 -7.20 -11.58 18.92
N LYS A 274 -8.04 -10.81 19.62
CA LYS A 274 -8.96 -9.80 19.03
C LYS A 274 -8.16 -8.69 18.31
N GLY A 275 -8.48 -8.46 17.04
CA GLY A 275 -7.88 -7.38 16.21
C GLY A 275 -6.42 -7.67 15.86
N ALA A 276 -5.95 -8.91 16.00
CA ALA A 276 -4.55 -9.29 15.67
C ALA A 276 -4.24 -8.83 14.23
N HIS A 277 -3.11 -8.17 14.03
CA HIS A 277 -2.72 -7.61 12.71
C HIS A 277 -1.20 -7.51 12.68
N ILE A 278 -0.64 -7.44 11.48
CA ILE A 278 0.80 -7.13 11.31
C ILE A 278 0.97 -5.66 11.70
N PRO A 279 1.99 -5.27 12.51
CA PRO A 279 3.08 -6.13 12.95
C PRO A 279 3.13 -6.58 14.42
N VAL A 280 1.98 -6.91 14.99
CA VAL A 280 1.79 -7.08 16.46
C VAL A 280 1.62 -8.57 16.80
N ILE A 281 1.68 -9.46 15.80
CA ILE A 281 1.42 -10.91 15.98
C ILE A 281 2.70 -11.64 16.39
N ASP A 282 2.62 -12.52 17.36
CA ASP A 282 3.77 -13.29 17.90
C ASP A 282 3.24 -14.51 18.68
N ASP A 283 4.11 -15.45 19.01
CA ASP A 283 3.76 -16.67 19.78
C ASP A 283 3.83 -16.37 21.29
N GLY A 284 4.43 -15.26 21.69
CA GLY A 284 4.61 -14.90 23.12
C GLY A 284 6.07 -14.70 23.53
N SER A 285 7.02 -15.19 22.73
CA SER A 285 8.48 -15.18 23.03
C SER A 285 9.07 -13.77 22.91
N TYR A 286 8.45 -12.89 22.11
CA TYR A 286 8.87 -11.48 21.94
C TYR A 286 8.84 -10.73 23.27
N GLY A 287 7.82 -10.94 24.08
CA GLY A 287 7.70 -10.34 25.42
C GLY A 287 9.02 -10.37 26.19
N PRO A 288 9.46 -11.55 26.68
CA PRO A 288 10.75 -11.69 27.36
C PRO A 288 11.94 -11.23 26.51
N ARG A 289 11.89 -11.49 25.20
CA ARG A 289 13.04 -11.14 24.32
C ARG A 289 13.28 -9.63 24.32
N ILE A 290 12.24 -8.83 24.10
CA ILE A 290 12.35 -7.35 23.92
C ILE A 290 12.67 -6.75 25.28
N THR A 291 12.08 -7.30 26.34
CA THR A 291 12.27 -6.87 27.75
C THR A 291 13.72 -7.12 28.15
N ASP A 292 14.29 -8.27 27.78
CA ASP A 292 15.69 -8.65 28.10
C ASP A 292 16.62 -7.77 27.27
N TYR A 293 16.35 -7.61 25.98
CA TYR A 293 17.16 -6.75 25.10
C TYR A 293 17.26 -5.33 25.70
N PHE A 294 16.14 -4.75 26.14
CA PHE A 294 16.06 -3.36 26.66
C PHE A 294 16.82 -3.28 28.00
N ALA A 295 16.79 -4.35 28.82
CA ALA A 295 17.54 -4.41 30.10
C ALA A 295 19.05 -4.37 29.80
N LYS A 296 19.54 -5.13 28.80
CA LYS A 296 20.97 -5.12 28.36
C LYS A 296 21.37 -3.71 27.89
N LYS A 297 20.45 -2.97 27.26
CA LYS A 297 20.73 -1.70 26.54
C LYS A 297 20.43 -0.47 27.42
N GLY A 298 19.77 -0.63 28.58
CA GLY A 298 19.31 0.50 29.41
C GLY A 298 18.20 1.36 28.79
N ILE A 299 17.34 0.76 27.95
CA ILE A 299 16.28 1.40 27.12
C ILE A 299 14.96 1.46 27.90
N SER A 300 14.34 2.65 27.95
CA SER A 300 12.99 2.91 28.53
C SER A 300 11.91 2.46 27.55
N TRP A 301 10.77 1.98 28.07
CA TRP A 301 9.70 1.42 27.19
C TRP A 301 8.31 1.64 27.75
N VAL A 302 7.34 1.54 26.86
CA VAL A 302 5.90 1.76 27.12
C VAL A 302 5.15 0.72 26.29
N ALA A 303 4.45 -0.16 27.00
CA ALA A 303 3.62 -1.23 26.38
C ALA A 303 2.38 -0.56 25.84
N TRP A 304 1.92 -0.99 24.67
CA TRP A 304 0.74 -0.45 23.98
C TRP A 304 -0.49 -1.35 24.23
N VAL A 305 -1.22 -0.86 25.24
CA VAL A 305 -2.54 -0.23 25.35
C VAL A 305 -3.33 -0.98 26.41
N PHE A 306 -3.34 -0.24 27.52
CA PHE A 306 -4.18 -0.43 28.71
C PHE A 306 -5.61 -0.11 28.32
N ASP A 307 -6.18 -1.03 27.54
CA ASP A 307 -7.53 -0.89 26.93
C ASP A 307 -7.95 -2.29 26.49
N PRO A 308 -9.23 -2.67 26.66
CA PRO A 308 -9.70 -3.98 26.24
C PRO A 308 -10.17 -4.08 24.78
N ASP A 309 -10.19 -2.96 24.06
CA ASP A 309 -10.68 -2.90 22.65
C ASP A 309 -9.50 -2.77 21.70
N TRP A 310 -8.69 -1.72 21.81
CA TRP A 310 -7.57 -1.45 20.88
C TRP A 310 -6.54 -2.58 20.96
N SER A 311 -6.01 -2.95 19.80
CA SER A 311 -5.09 -4.09 19.60
C SER A 311 -3.64 -3.59 19.58
N PRO A 312 -2.68 -4.26 20.24
CA PRO A 312 -2.95 -5.39 21.12
C PRO A 312 -3.37 -4.96 22.54
N GLN A 313 -4.33 -5.71 23.13
CA GLN A 313 -4.92 -5.44 24.45
C GLN A 313 -3.98 -5.88 25.57
N MET A 314 -3.83 -5.06 26.61
CA MET A 314 -3.11 -5.40 27.85
C MET A 314 -4.07 -6.00 28.87
N ILE A 315 -5.37 -5.72 28.74
CA ILE A 315 -6.46 -6.19 29.65
C ILE A 315 -7.57 -6.87 28.82
N LYS A 316 -8.19 -7.94 29.36
CA LYS A 316 -9.18 -8.78 28.61
C LYS A 316 -10.54 -8.10 28.56
N SER A 317 -10.86 -7.26 29.56
CA SER A 317 -12.17 -6.58 29.72
C SER A 317 -12.00 -5.43 30.74
N TRP A 318 -13.08 -4.73 31.10
CA TRP A 318 -13.04 -3.70 32.17
C TRP A 318 -12.96 -4.32 33.57
N ASP A 319 -12.77 -5.63 33.69
CA ASP A 319 -12.49 -6.25 35.03
C ASP A 319 -10.98 -6.22 35.26
N TYR A 320 -10.20 -5.85 34.22
CA TYR A 320 -8.76 -5.53 34.28
C TYR A 320 -7.91 -6.80 34.45
N GLU A 321 -8.42 -7.97 34.06
CA GLU A 321 -7.62 -9.23 34.03
C GLU A 321 -6.56 -9.04 32.95
N PRO A 322 -5.26 -9.30 33.25
CA PRO A 322 -4.24 -9.16 32.24
C PRO A 322 -4.33 -10.21 31.11
N THR A 323 -4.00 -9.79 29.88
CA THR A 323 -3.75 -10.65 28.69
C THR A 323 -2.35 -11.24 28.80
N MET A 324 -1.94 -12.03 27.81
CA MET A 324 -0.59 -12.61 27.82
C MET A 324 0.43 -11.46 27.98
N GLN A 325 0.30 -10.38 27.18
CA GLN A 325 1.32 -9.30 27.17
C GLN A 325 1.24 -8.50 28.49
N GLY A 326 0.05 -8.28 29.00
CA GLY A 326 -0.16 -7.60 30.28
C GLY A 326 0.56 -8.32 31.41
N GLU A 327 0.42 -9.64 31.48
CA GLU A 327 1.07 -10.48 32.52
C GLU A 327 2.56 -10.17 32.48
N HIS A 328 3.17 -10.30 31.31
CA HIS A 328 4.65 -10.20 31.14
C HIS A 328 5.13 -8.78 31.53
N PHE A 329 4.51 -7.73 30.98
CA PHE A 329 4.99 -6.36 31.21
C PHE A 329 4.77 -6.02 32.68
N ARG A 330 3.69 -6.50 33.30
CA ARG A 330 3.40 -6.23 34.72
C ARG A 330 4.52 -6.83 35.58
N LYS A 331 4.87 -8.10 35.33
CA LYS A 331 5.93 -8.85 36.07
C LYS A 331 7.21 -8.02 36.01
N VAL A 332 7.61 -7.56 34.82
CA VAL A 332 8.85 -6.75 34.64
C VAL A 332 8.71 -5.40 35.37
N MET A 333 7.57 -4.70 35.27
CA MET A 333 7.44 -3.37 35.92
C MET A 333 7.46 -3.56 37.46
N LEU A 334 6.80 -4.59 37.99
CA LEU A 334 6.75 -4.84 39.46
C LEU A 334 8.15 -5.14 39.97
N LYS A 335 8.91 -5.99 39.27
CA LYS A 335 10.26 -6.37 39.73
C LYS A 335 11.21 -5.14 39.63
N GLU A 336 11.27 -4.45 38.49
CA GLU A 336 12.41 -3.59 38.09
C GLU A 336 12.16 -2.09 38.39
N ASN A 337 10.91 -1.61 38.52
CA ASN A 337 10.62 -0.18 38.79
C ASN A 337 10.71 0.07 40.31
N LYS A 338 9.60 0.51 40.94
CA LYS A 338 9.52 1.31 42.19
C LYS A 338 10.50 0.70 43.20
N THR B 8 -18.03 14.99 7.10
CA THR B 8 -17.43 13.68 6.72
C THR B 8 -17.23 13.61 5.19
N SER B 9 -17.16 14.77 4.52
CA SER B 9 -17.19 14.91 3.04
C SER B 9 -15.91 15.58 2.51
N GLY B 10 -15.14 16.29 3.35
CA GLY B 10 -13.83 16.91 3.00
C GLY B 10 -12.71 15.89 2.93
N TRP B 11 -11.64 16.18 2.18
CA TRP B 11 -10.51 15.23 1.98
C TRP B 11 -9.93 14.73 3.31
N TRP B 12 -9.90 15.58 4.34
CA TRP B 12 -9.18 15.36 5.61
C TRP B 12 -10.07 14.63 6.63
N ASN B 13 -11.38 14.53 6.44
CA ASN B 13 -12.29 13.94 7.45
C ASN B 13 -13.21 12.89 6.82
N ALA B 14 -13.13 12.66 5.50
CA ALA B 14 -13.99 11.69 4.79
C ALA B 14 -13.87 10.33 5.47
N GLY B 15 -15.02 9.66 5.65
CA GLY B 15 -15.16 8.31 6.23
C GLY B 15 -14.47 7.25 5.37
N ASP B 16 -14.76 5.98 5.68
CA ASP B 16 -14.49 4.84 4.75
C ASP B 16 -15.27 5.16 3.47
N VAL B 17 -14.63 4.98 2.32
CA VAL B 17 -15.26 5.16 0.98
C VAL B 17 -15.44 3.77 0.39
N PRO B 18 -16.65 3.33 -0.04
CA PRO B 18 -16.80 1.99 -0.61
C PRO B 18 -15.83 1.84 -1.80
N ALA B 19 -15.12 0.71 -1.94
CA ALA B 19 -14.31 0.39 -3.14
C ALA B 19 -15.17 0.56 -4.39
N PHE B 20 -14.55 0.63 -5.56
CA PHE B 20 -15.25 0.69 -6.86
C PHE B 20 -15.78 -0.70 -7.22
N ASP B 21 -17.06 -0.78 -7.56
CA ASP B 21 -17.74 -2.02 -8.02
C ASP B 21 -17.37 -2.26 -9.49
N LYS B 22 -16.39 -3.14 -9.72
CA LYS B 22 -15.83 -3.51 -11.03
C LYS B 22 -16.70 -4.58 -11.72
N ARG B 23 -17.83 -4.95 -11.12
CA ARG B 23 -18.88 -5.85 -11.69
C ARG B 23 -19.59 -5.16 -12.88
N GLN B 24 -19.57 -3.82 -12.91
CA GLN B 24 -20.21 -2.97 -13.95
C GLN B 24 -19.38 -2.95 -15.24
N LEU B 25 -18.12 -3.43 -15.18
CA LEU B 25 -17.20 -3.45 -16.34
C LEU B 25 -17.25 -4.84 -16.98
N SER B 26 -17.27 -4.91 -18.30
CA SER B 26 -17.28 -6.17 -19.09
C SER B 26 -16.02 -6.24 -19.94
N ARG B 27 -15.38 -5.10 -20.19
CA ARG B 27 -14.23 -4.97 -21.11
C ARG B 27 -13.01 -4.47 -20.33
N GLN B 28 -11.86 -4.98 -20.72
CA GLN B 28 -10.52 -4.44 -20.37
C GLN B 28 -9.88 -3.96 -21.67
N LEU B 29 -9.76 -2.64 -21.87
CA LEU B 29 -9.04 -2.07 -23.05
C LEU B 29 -7.55 -2.41 -22.95
N PRO B 30 -6.80 -2.36 -24.06
CA PRO B 30 -5.37 -2.67 -23.99
C PRO B 30 -4.67 -1.69 -23.04
N LEU B 31 -3.69 -2.20 -22.28
CA LEU B 31 -2.77 -1.38 -21.47
C LEU B 31 -1.94 -0.47 -22.39
N ILE B 32 -1.95 0.83 -22.11
CA ILE B 32 -1.04 1.83 -22.75
C ILE B 32 0.15 2.09 -21.82
N ARG B 33 1.34 2.25 -22.40
CA ARG B 33 2.52 2.74 -21.65
C ARG B 33 3.26 3.77 -22.50
N VAL B 34 4.08 4.59 -21.86
CA VAL B 34 5.09 5.44 -22.53
C VAL B 34 6.30 4.57 -22.91
N ASP B 35 6.68 4.61 -24.19
CA ASP B 35 7.95 4.06 -24.72
C ASP B 35 8.70 5.21 -25.41
N GLY B 36 9.72 5.73 -24.72
CA GLY B 36 10.41 6.99 -25.02
C GLY B 36 9.44 8.11 -25.42
N ASN B 37 9.26 8.23 -26.71
CA ASN B 37 8.70 9.36 -27.47
C ASN B 37 7.18 9.26 -27.67
N ARG B 38 6.64 8.07 -27.47
CA ARG B 38 5.24 7.78 -27.86
C ARG B 38 4.51 6.90 -26.83
N PHE B 39 3.19 6.89 -26.93
CA PHE B 39 2.31 5.90 -26.29
C PHE B 39 2.30 4.64 -27.16
N VAL B 40 2.45 3.46 -26.55
CA VAL B 40 2.29 2.17 -27.29
C VAL B 40 1.38 1.24 -26.48
N ASP B 41 0.72 0.33 -27.21
CA ASP B 41 -0.14 -0.74 -26.65
C ASP B 41 0.73 -1.96 -26.33
N GLU B 42 0.11 -3.11 -26.04
CA GLU B 42 0.84 -4.32 -25.58
C GLU B 42 1.67 -4.90 -26.73
N GLN B 43 1.37 -4.58 -28.01
CA GLN B 43 2.16 -5.09 -29.17
C GLN B 43 3.29 -4.13 -29.55
N GLY B 44 3.37 -2.94 -28.95
CA GLY B 44 4.41 -1.94 -29.31
C GLY B 44 3.98 -1.06 -30.47
N ASN B 45 2.69 -1.15 -30.89
CA ASN B 45 2.07 -0.23 -31.87
C ASN B 45 1.86 1.16 -31.24
N VAL B 46 2.20 2.19 -32.00
CA VAL B 46 2.02 3.61 -31.59
C VAL B 46 0.52 3.85 -31.43
N GLN B 47 0.14 4.50 -30.35
CA GLN B 47 -1.26 4.96 -30.17
C GLN B 47 -1.25 6.49 -30.16
N ILE B 48 -2.18 7.05 -30.92
CA ILE B 48 -2.49 8.50 -30.89
C ILE B 48 -3.92 8.68 -30.40
N PHE B 49 -4.11 9.53 -29.39
CA PHE B 49 -5.42 9.80 -28.79
C PHE B 49 -5.91 11.15 -29.30
N ARG B 50 -7.17 11.17 -29.72
CA ARG B 50 -7.90 12.33 -30.27
C ARG B 50 -9.29 12.25 -29.64
N GLY B 51 -9.61 13.16 -28.72
CA GLY B 51 -10.86 13.06 -27.95
C GLY B 51 -11.38 14.40 -27.48
N VAL B 52 -12.18 14.36 -26.42
CA VAL B 52 -12.92 15.55 -25.91
C VAL B 52 -12.88 15.51 -24.39
N SER B 53 -12.92 16.71 -23.79
CA SER B 53 -13.31 16.94 -22.38
C SER B 53 -14.84 16.97 -22.31
N ILE B 54 -15.41 16.20 -21.40
CA ILE B 54 -16.77 16.49 -20.89
C ILE B 54 -16.62 17.70 -19.98
N SER B 55 -17.73 18.36 -19.69
CA SER B 55 -17.82 19.33 -18.58
C SER B 55 -17.70 18.51 -17.30
N ASP B 56 -17.50 19.17 -16.18
CA ASP B 56 -17.39 18.51 -14.86
C ASP B 56 -18.63 17.63 -14.69
N PRO B 57 -18.48 16.33 -14.36
CA PRO B 57 -19.64 15.52 -13.97
C PRO B 57 -20.65 16.21 -13.03
N ASN B 58 -20.15 17.04 -12.11
CA ASN B 58 -21.01 17.86 -11.22
C ASN B 58 -21.99 18.72 -12.03
N LYS B 59 -21.51 19.37 -13.09
CA LYS B 59 -22.39 20.20 -13.95
C LYS B 59 -23.34 19.29 -14.75
N LEU B 60 -22.86 18.23 -15.38
CA LEU B 60 -23.71 17.30 -16.17
C LEU B 60 -24.89 16.81 -15.32
N ALA B 61 -24.65 16.40 -14.07
CA ALA B 61 -25.66 15.81 -13.18
C ALA B 61 -26.70 16.91 -12.83
N LYS B 62 -26.24 18.13 -12.57
CA LYS B 62 -27.14 19.30 -12.33
C LYS B 62 -28.00 19.60 -13.57
N ASP B 63 -27.45 19.48 -14.77
CA ASP B 63 -28.12 19.79 -16.05
C ASP B 63 -29.02 18.61 -16.47
N GLN B 64 -28.98 17.50 -15.73
CA GLN B 64 -29.69 16.23 -16.06
C GLN B 64 -29.22 15.64 -17.40
N HIS B 65 -27.94 15.78 -17.76
CA HIS B 65 -27.39 15.07 -18.94
C HIS B 65 -26.27 14.08 -18.54
N PHE B 66 -26.13 13.78 -17.24
CA PHE B 66 -25.17 12.75 -16.79
C PHE B 66 -25.81 11.38 -17.02
N ASN B 67 -25.87 10.94 -18.28
CA ASN B 67 -26.53 9.67 -18.67
C ASN B 67 -25.74 9.01 -19.79
N LYS B 68 -26.05 7.74 -20.05
CA LYS B 68 -25.32 6.91 -21.06
C LYS B 68 -25.42 7.58 -22.44
N LYS B 69 -26.56 8.21 -22.75
CA LYS B 69 -26.79 8.80 -24.08
C LYS B 69 -25.72 9.86 -24.37
N HIS B 70 -25.38 10.68 -23.37
CA HIS B 70 -24.35 11.73 -23.48
C HIS B 70 -23.04 11.10 -23.98
N PHE B 71 -22.65 9.99 -23.37
CA PHE B 71 -21.39 9.30 -23.67
C PHE B 71 -21.49 8.57 -25.02
N ASP B 72 -22.65 8.03 -25.39
CA ASP B 72 -22.87 7.34 -26.69
C ASP B 72 -22.66 8.35 -27.82
N VAL B 73 -23.15 9.57 -27.65
CA VAL B 73 -23.00 10.64 -28.68
C VAL B 73 -21.50 10.93 -28.80
N ILE B 74 -20.81 11.11 -27.67
CA ILE B 74 -19.34 11.38 -27.69
C ILE B 74 -18.66 10.27 -28.51
N ARG B 75 -18.94 9.01 -28.17
CA ARG B 75 -18.37 7.86 -28.93
C ARG B 75 -18.72 7.97 -30.43
N SER B 76 -19.95 8.33 -30.78
CA SER B 76 -20.41 8.41 -32.20
C SER B 76 -19.65 9.51 -32.95
N TRP B 77 -18.94 10.41 -32.26
CA TRP B 77 -18.05 11.41 -32.93
C TRP B 77 -16.65 10.84 -33.26
N GLY B 78 -16.37 9.58 -32.93
CA GLY B 78 -15.08 8.94 -33.21
C GLY B 78 -14.11 9.03 -32.03
N THR B 79 -14.49 9.79 -30.98
CA THR B 79 -13.73 10.03 -29.73
C THR B 79 -13.11 8.71 -29.20
N ASN B 80 -11.78 8.64 -29.04
CA ASN B 80 -11.13 7.46 -28.40
C ASN B 80 -10.58 7.81 -26.99
N VAL B 81 -10.79 9.03 -26.51
CA VAL B 81 -10.40 9.39 -25.11
C VAL B 81 -11.35 10.47 -24.58
N VAL B 82 -11.82 10.29 -23.35
CA VAL B 82 -12.63 11.33 -22.66
C VAL B 82 -11.85 11.87 -21.46
N ARG B 83 -11.74 13.20 -21.39
CA ARG B 83 -11.05 13.90 -20.28
C ARG B 83 -12.11 14.39 -19.28
N ILE B 84 -11.91 14.06 -18.00
CA ILE B 84 -12.87 14.40 -16.93
C ILE B 84 -12.29 15.50 -16.07
N PRO B 85 -12.71 16.76 -16.25
CA PRO B 85 -12.17 17.88 -15.48
C PRO B 85 -12.86 17.98 -14.11
N VAL B 86 -12.27 17.34 -13.12
CA VAL B 86 -12.69 17.42 -11.71
C VAL B 86 -12.28 18.78 -11.14
N HIS B 87 -13.21 19.73 -11.04
CA HIS B 87 -12.97 21.04 -10.37
C HIS B 87 -12.93 20.83 -8.87
N PRO B 88 -11.85 21.23 -8.16
CA PRO B 88 -11.78 21.04 -6.70
C PRO B 88 -13.02 21.54 -5.93
N SER B 89 -13.61 22.61 -6.41
CA SER B 89 -14.88 23.24 -5.98
C SER B 89 -16.04 22.23 -5.98
N ALA B 90 -16.19 21.49 -7.07
CA ALA B 90 -17.18 20.42 -7.29
C ALA B 90 -16.85 19.21 -6.39
N TRP B 91 -15.59 18.84 -6.28
CA TRP B 91 -15.12 17.79 -5.37
C TRP B 91 -15.58 18.12 -3.93
N ARG B 92 -15.54 19.39 -3.55
CA ARG B 92 -15.98 19.81 -2.18
C ARG B 92 -17.52 19.83 -2.13
N GLU B 93 -18.17 20.32 -3.18
CA GLU B 93 -19.64 20.49 -3.17
C GLU B 93 -20.29 19.10 -3.06
N ARG B 94 -19.85 18.09 -3.80
CA ARG B 94 -20.44 16.73 -3.73
C ARG B 94 -19.88 15.95 -2.54
N GLY B 95 -18.70 16.34 -2.06
CA GLY B 95 -17.95 15.53 -1.09
C GLY B 95 -17.28 14.32 -1.73
N VAL B 96 -16.35 13.73 -0.99
CA VAL B 96 -15.41 12.73 -1.57
C VAL B 96 -16.26 11.60 -2.15
N LYS B 97 -17.08 11.00 -1.29
CA LYS B 97 -17.89 9.79 -1.55
C LYS B 97 -18.85 10.10 -2.71
N GLY B 98 -19.56 11.22 -2.61
CA GLY B 98 -20.53 11.67 -3.63
C GLY B 98 -19.86 11.92 -4.97
N TYR B 99 -18.67 12.54 -4.98
CA TYR B 99 -17.94 12.83 -6.24
C TYR B 99 -17.45 11.53 -6.88
N LEU B 100 -16.93 10.62 -6.09
CA LEU B 100 -16.38 9.37 -6.64
C LEU B 100 -17.51 8.52 -7.25
N GLU B 101 -18.76 8.63 -6.77
CA GLU B 101 -19.93 7.96 -7.42
C GLU B 101 -20.08 8.51 -8.85
N LEU B 102 -20.00 9.82 -9.05
CA LEU B 102 -20.07 10.39 -10.43
C LEU B 102 -18.90 9.85 -11.27
N LEU B 103 -17.68 9.90 -10.73
CA LEU B 103 -16.43 9.60 -11.48
C LEU B 103 -16.42 8.11 -11.87
N ASP B 104 -16.80 7.23 -10.94
CA ASP B 104 -17.04 5.78 -11.18
C ASP B 104 -17.94 5.59 -12.42
N GLN B 105 -19.08 6.28 -12.47
CA GLN B 105 -20.10 6.07 -13.51
C GLN B 105 -19.52 6.59 -14.84
N ALA B 106 -18.92 7.78 -14.85
CA ALA B 106 -18.30 8.35 -16.07
C ALA B 106 -17.28 7.35 -16.63
N ILE B 107 -16.41 6.82 -15.77
CA ILE B 107 -15.32 5.90 -16.17
C ILE B 107 -15.93 4.59 -16.69
N THR B 108 -16.99 4.11 -16.06
CA THR B 108 -17.70 2.87 -16.47
C THR B 108 -18.22 3.08 -17.90
N TRP B 109 -18.86 4.20 -18.17
CA TRP B 109 -19.46 4.46 -19.50
C TRP B 109 -18.35 4.54 -20.54
N ASN B 110 -17.29 5.31 -20.26
CA ASN B 110 -16.13 5.41 -21.19
C ASN B 110 -15.62 4.00 -21.50
N ASN B 111 -15.31 3.22 -20.45
CA ASN B 111 -14.72 1.87 -20.55
C ASN B 111 -15.60 1.02 -21.47
N GLU B 112 -16.90 0.98 -21.20
CA GLU B 112 -17.84 0.10 -21.95
C GLU B 112 -17.93 0.58 -23.40
N LEU B 113 -17.73 1.87 -23.66
CA LEU B 113 -17.82 2.43 -25.04
C LEU B 113 -16.48 2.34 -25.77
N GLY B 114 -15.45 1.72 -25.17
CA GLY B 114 -14.11 1.55 -25.77
C GLY B 114 -13.29 2.85 -25.78
N MET B 115 -13.60 3.80 -24.89
CA MET B 115 -12.88 5.11 -24.79
C MET B 115 -11.97 5.12 -23.56
N TYR B 116 -10.72 5.54 -23.74
CA TYR B 116 -9.80 5.79 -22.59
C TYR B 116 -10.30 7.00 -21.80
N THR B 117 -9.88 7.10 -20.55
CA THR B 117 -10.18 8.22 -19.62
C THR B 117 -8.89 8.96 -19.25
N ILE B 118 -8.93 10.29 -19.24
CA ILE B 118 -7.98 11.14 -18.48
C ILE B 118 -8.71 11.64 -17.24
N ILE B 119 -8.17 11.38 -16.06
CA ILE B 119 -8.61 12.09 -14.83
C ILE B 119 -7.76 13.34 -14.73
N ASP B 120 -8.39 14.50 -14.80
CA ASP B 120 -7.76 15.82 -14.76
C ASP B 120 -8.20 16.50 -13.47
N TRP B 121 -7.25 16.74 -12.56
CA TRP B 121 -7.50 17.59 -11.38
C TRP B 121 -7.54 19.03 -11.91
N HIS B 122 -8.73 19.57 -12.13
CA HIS B 122 -8.91 20.79 -12.96
C HIS B 122 -8.76 22.04 -12.09
N SER B 123 -7.53 22.35 -11.70
CA SER B 123 -7.23 23.63 -11.01
C SER B 123 -6.56 24.56 -12.02
N MET B 124 -6.19 25.72 -11.54
CA MET B 124 -5.67 26.79 -12.41
C MET B 124 -5.01 27.83 -11.50
N GLY B 125 -3.67 27.93 -11.59
CA GLY B 125 -2.87 28.93 -10.91
C GLY B 125 -1.64 28.31 -10.31
N ASN B 126 -1.36 28.65 -9.06
CA ASN B 126 -0.08 28.40 -8.37
C ASN B 126 -0.41 27.65 -7.09
N LEU B 127 -0.35 26.33 -7.17
CA LEU B 127 -0.64 25.42 -6.06
C LEU B 127 0.29 25.78 -4.89
N LYS B 128 1.58 25.94 -5.14
CA LYS B 128 2.58 26.14 -4.07
C LYS B 128 2.17 27.31 -3.16
N SER B 129 1.76 28.43 -3.74
CA SER B 129 1.47 29.70 -3.04
C SER B 129 -0.04 29.81 -2.75
N GLU B 130 -0.84 28.86 -3.22
CA GLU B 130 -2.31 28.78 -2.94
C GLU B 130 -3.02 30.00 -3.53
N MET B 131 -2.67 30.33 -4.76
CA MET B 131 -3.31 31.43 -5.51
C MET B 131 -3.86 30.85 -6.81
N PHE B 132 -5.17 30.90 -6.98
CA PHE B 132 -5.94 30.26 -8.07
C PHE B 132 -6.63 31.34 -8.88
N GLN B 133 -6.90 31.03 -10.15
CA GLN B 133 -7.55 32.00 -11.08
C GLN B 133 -8.85 32.48 -10.46
N ASN B 134 -9.53 31.61 -9.73
CA ASN B 134 -10.92 31.84 -9.30
C ASN B 134 -11.29 30.78 -8.23
N SER B 135 -12.29 31.06 -7.39
CA SER B 135 -12.70 30.18 -6.25
C SER B 135 -13.02 28.76 -6.73
N MET B 136 -13.47 28.62 -7.97
CA MET B 136 -13.94 27.29 -8.46
C MET B 136 -12.73 26.36 -8.67
N TYR B 137 -11.51 26.91 -8.68
CA TYR B 137 -10.24 26.14 -8.86
C TYR B 137 -9.49 25.97 -7.53
N HIS B 138 -9.94 26.64 -6.46
CA HIS B 138 -9.23 26.66 -5.16
C HIS B 138 -8.94 25.25 -4.67
N THR B 139 -7.68 24.97 -4.33
CA THR B 139 -7.28 23.68 -3.72
C THR B 139 -6.07 23.94 -2.82
N SER B 140 -5.47 22.87 -2.35
CA SER B 140 -4.28 22.89 -1.48
C SER B 140 -3.44 21.68 -1.87
N LYS B 141 -2.16 21.72 -1.51
CA LYS B 141 -1.23 20.59 -1.67
C LYS B 141 -1.84 19.32 -1.04
N GLY B 142 -2.37 19.46 0.17
CA GLY B 142 -2.98 18.33 0.90
C GLY B 142 -4.15 17.73 0.14
N GLU B 143 -5.03 18.58 -0.35
CA GLU B 143 -6.27 18.13 -1.05
C GLU B 143 -5.87 17.49 -2.39
N THR B 144 -4.87 18.07 -3.06
CA THR B 144 -4.36 17.59 -4.36
C THR B 144 -3.75 16.20 -4.17
N PHE B 145 -2.84 16.05 -3.22
CA PHE B 145 -2.19 14.74 -2.98
C PHE B 145 -3.26 13.72 -2.59
N ASP B 146 -4.20 14.13 -1.76
CA ASP B 146 -5.28 13.24 -1.28
C ASP B 146 -6.12 12.78 -2.48
N PHE B 147 -6.50 13.67 -3.37
CA PHE B 147 -7.26 13.28 -4.57
C PHE B 147 -6.50 12.19 -5.33
N TRP B 148 -5.22 12.40 -5.61
CA TRP B 148 -4.41 11.46 -6.42
C TRP B 148 -4.25 10.13 -5.66
N ARG B 149 -4.08 10.19 -4.34
CA ARG B 149 -4.03 8.96 -3.50
C ARG B 149 -5.31 8.13 -3.68
N ARG B 150 -6.46 8.78 -3.66
CA ARG B 150 -7.77 8.09 -3.70
C ARG B 150 -7.98 7.50 -5.10
N VAL B 151 -7.87 8.30 -6.16
CA VAL B 151 -8.27 7.84 -7.52
C VAL B 151 -7.24 6.85 -8.07
N SER B 152 -5.95 7.01 -7.76
CA SER B 152 -4.91 6.09 -8.28
C SER B 152 -5.14 4.68 -7.73
N GLU B 153 -5.48 4.55 -6.47
CA GLU B 153 -5.83 3.23 -5.86
C GLU B 153 -7.17 2.71 -6.44
N ARG B 154 -8.20 3.54 -6.46
CA ARG B 154 -9.59 3.17 -6.81
C ARG B 154 -9.63 2.56 -8.24
N TYR B 155 -8.88 3.11 -9.21
CA TYR B 155 -8.97 2.69 -10.64
C TYR B 155 -7.74 1.87 -11.02
N ASN B 156 -6.94 1.47 -10.05
CA ASN B 156 -5.80 0.55 -10.29
C ASN B 156 -6.29 -0.71 -10.97
N GLY B 157 -5.67 -1.08 -12.10
CA GLY B 157 -5.97 -2.32 -12.84
C GLY B 157 -6.98 -2.11 -13.95
N ILE B 158 -7.60 -0.93 -14.06
CA ILE B 158 -8.49 -0.57 -15.20
C ILE B 158 -7.67 0.17 -16.24
N ASN B 159 -7.28 -0.55 -17.28
CA ASN B 159 -6.35 -0.06 -18.31
C ASN B 159 -6.95 1.18 -18.94
N SER B 160 -8.27 1.24 -19.14
CA SER B 160 -8.93 2.38 -19.82
C SER B 160 -8.65 3.69 -19.06
N VAL B 161 -8.51 3.60 -17.73
CA VAL B 161 -8.16 4.78 -16.90
C VAL B 161 -6.64 4.84 -16.91
N ALA B 162 -6.11 5.36 -18.01
CA ALA B 162 -4.70 5.25 -18.45
C ALA B 162 -3.90 6.46 -17.94
N PHE B 163 -4.55 7.62 -17.87
CA PHE B 163 -3.90 8.95 -17.82
C PHE B 163 -4.35 9.72 -16.58
N TYR B 164 -3.40 10.25 -15.82
CA TYR B 164 -3.56 10.99 -14.56
C TYR B 164 -2.91 12.36 -14.74
N GLU B 165 -3.74 13.40 -14.97
CA GLU B 165 -3.30 14.75 -15.34
C GLU B 165 -3.24 15.56 -14.05
N ILE B 166 -2.02 15.68 -13.51
CA ILE B 166 -1.71 16.11 -12.12
C ILE B 166 -2.43 17.44 -11.79
N PHE B 167 -2.34 18.42 -12.68
CA PHE B 167 -2.83 19.79 -12.39
C PHE B 167 -3.04 20.58 -13.69
N ASN B 168 -4.32 20.78 -14.04
CA ASN B 168 -4.80 21.27 -15.36
C ASN B 168 -3.88 22.38 -15.89
N GLU B 169 -3.90 23.57 -15.30
CA GLU B 169 -3.26 24.78 -15.85
C GLU B 169 -2.46 25.52 -14.76
N PRO B 170 -1.16 25.21 -14.63
CA PRO B 170 -0.26 26.00 -13.82
C PRO B 170 -0.09 27.39 -14.45
N THR B 171 -0.18 28.44 -13.63
CA THR B 171 0.09 29.82 -14.07
C THR B 171 0.35 30.72 -12.87
N VAL B 172 1.18 31.73 -13.07
CA VAL B 172 1.41 32.79 -12.05
C VAL B 172 0.71 34.07 -12.51
N PHE B 173 0.15 34.08 -13.73
CA PHE B 173 -0.58 35.23 -14.29
C PHE B 173 0.29 36.49 -14.12
N SER B 174 1.53 36.43 -14.57
CA SER B 174 2.49 37.55 -14.58
C SER B 174 2.78 38.07 -13.15
N GLY B 175 2.61 37.23 -12.12
CA GLY B 175 2.90 37.56 -10.71
C GLY B 175 1.65 37.83 -9.89
N ARG B 176 0.49 37.99 -10.52
CA ARG B 176 -0.78 38.22 -9.79
C ARG B 176 -1.04 37.00 -8.88
N LEU B 177 -0.60 35.81 -9.29
CA LEU B 177 -0.73 34.57 -8.47
C LEU B 177 0.63 34.17 -7.91
N GLY B 178 1.51 35.15 -7.69
CA GLY B 178 2.76 34.94 -6.90
C GLY B 178 3.89 34.33 -7.72
N ILE B 179 4.70 33.51 -7.04
CA ILE B 179 6.02 33.04 -7.56
C ILE B 179 6.14 31.53 -7.38
N VAL B 180 6.55 30.84 -8.44
CA VAL B 180 6.93 29.41 -8.36
C VAL B 180 7.90 29.12 -9.49
N SER B 181 9.04 28.51 -9.20
CA SER B 181 10.03 28.07 -10.21
C SER B 181 9.57 26.74 -10.84
N TRP B 182 10.02 26.47 -12.06
CA TRP B 182 9.88 25.14 -12.66
C TRP B 182 10.45 24.07 -11.69
N ALA B 183 11.56 24.33 -11.02
CA ALA B 183 12.20 23.37 -10.09
C ALA B 183 11.22 23.00 -8.99
N GLU B 184 10.53 23.96 -8.40
CA GLU B 184 9.58 23.72 -7.28
C GLU B 184 8.38 22.91 -7.82
N TRP B 185 7.91 23.24 -9.02
CA TRP B 185 6.78 22.58 -9.69
C TRP B 185 7.14 21.14 -10.03
N LYS B 186 8.37 20.92 -10.51
CA LYS B 186 8.94 19.58 -10.77
C LYS B 186 8.86 18.71 -9.51
N ALA B 187 9.27 19.25 -8.36
CA ALA B 187 9.26 18.53 -7.07
C ALA B 187 7.83 18.13 -6.68
N ILE B 188 6.88 19.05 -6.85
CA ILE B 188 5.45 18.81 -6.53
C ILE B 188 4.91 17.71 -7.45
N ASN B 189 5.13 17.83 -8.76
CA ASN B 189 4.71 16.76 -9.71
C ASN B 189 5.35 15.44 -9.29
N GLU B 190 6.64 15.44 -8.95
CA GLU B 190 7.35 14.17 -8.69
C GLU B 190 6.72 13.51 -7.45
N GLU B 191 6.30 14.29 -6.44
CA GLU B 191 5.65 13.72 -5.22
C GLU B 191 4.28 13.13 -5.60
N ALA B 192 3.50 13.86 -6.40
CA ALA B 192 2.18 13.41 -6.88
C ALA B 192 2.36 12.09 -7.65
N ILE B 193 3.37 12.01 -8.52
CA ILE B 193 3.61 10.80 -9.35
C ILE B 193 4.09 9.66 -8.44
N THR B 194 4.92 9.91 -7.43
CA THR B 194 5.29 8.85 -6.45
C THR B 194 4.00 8.29 -5.83
N ILE B 195 3.09 9.17 -5.42
CA ILE B 195 1.83 8.76 -4.74
C ILE B 195 1.07 7.86 -5.75
N ILE B 196 0.90 8.34 -6.97
CA ILE B 196 0.12 7.62 -8.02
C ILE B 196 0.74 6.23 -8.27
N GLN B 197 2.05 6.17 -8.52
CA GLN B 197 2.75 4.92 -8.93
C GLN B 197 2.76 3.89 -7.79
N ALA B 198 2.78 4.34 -6.53
CA ALA B 198 2.77 3.48 -5.35
C ALA B 198 1.42 2.76 -5.27
N HIS B 199 0.33 3.38 -5.73
CA HIS B 199 -1.04 2.80 -5.67
C HIS B 199 -1.34 2.10 -7.02
N ASN B 200 -0.68 2.53 -8.10
CA ASN B 200 -1.07 2.19 -9.48
C ASN B 200 0.17 2.12 -10.35
N PRO B 201 0.88 0.98 -10.33
CA PRO B 201 2.16 0.89 -11.05
C PRO B 201 2.09 1.20 -12.56
N ASN B 202 0.93 1.03 -13.21
CA ASN B 202 0.77 1.18 -14.68
C ASN B 202 0.24 2.56 -15.06
N ALA B 203 -0.06 3.44 -14.09
CA ALA B 203 -0.58 4.78 -14.37
C ALA B 203 0.44 5.60 -15.17
N ILE B 204 -0.04 6.28 -16.21
CA ILE B 204 0.67 7.35 -16.97
C ILE B 204 0.28 8.68 -16.38
N SER B 205 1.25 9.54 -16.13
CA SER B 205 1.10 10.86 -15.48
C SER B 205 1.32 11.94 -16.54
N LEU B 206 0.40 12.92 -16.66
CA LEU B 206 0.48 14.05 -17.61
C LEU B 206 0.87 15.31 -16.80
N VAL B 207 2.04 15.87 -17.14
CA VAL B 207 2.68 16.99 -16.40
C VAL B 207 2.66 18.23 -17.28
N ALA B 208 2.39 19.38 -16.65
CA ALA B 208 2.15 20.66 -17.38
C ALA B 208 3.15 21.72 -16.92
N GLY B 209 3.49 22.64 -17.82
CA GLY B 209 4.28 23.84 -17.52
C GLY B 209 3.41 25.06 -17.36
N PHE B 210 3.98 26.25 -17.45
CA PHE B 210 3.36 27.52 -17.03
C PHE B 210 2.74 28.21 -18.23
N ASN B 211 2.30 29.46 -18.03
CA ASN B 211 1.50 30.18 -19.04
C ASN B 211 0.25 29.35 -19.34
N TRP B 212 -0.42 28.84 -18.29
CA TRP B 212 -1.65 28.02 -18.39
C TRP B 212 -1.38 26.74 -19.20
N ALA B 213 -0.41 25.95 -18.75
CA ALA B 213 -0.01 24.64 -19.36
C ALA B 213 0.26 24.84 -20.86
N TYR B 214 0.98 25.88 -21.22
CA TYR B 214 1.32 26.14 -22.65
C TYR B 214 2.79 25.73 -22.87
N ASP B 215 3.71 26.27 -22.06
CA ASP B 215 5.19 26.19 -22.28
C ASP B 215 5.75 24.87 -21.78
N LEU B 216 6.65 24.25 -22.55
CA LEU B 216 7.40 23.05 -22.15
C LEU B 216 8.91 23.27 -22.25
N ARG B 217 9.38 24.48 -22.54
CA ARG B 217 10.84 24.76 -22.58
C ARG B 217 11.48 24.55 -21.21
N GLU B 218 10.85 24.97 -20.11
CA GLU B 218 11.49 24.78 -18.77
C GLU B 218 11.47 23.28 -18.44
N ALA B 219 10.41 22.56 -18.82
CA ALA B 219 10.30 21.09 -18.63
C ALA B 219 11.44 20.36 -19.34
N ALA B 220 11.67 20.71 -20.61
CA ALA B 220 12.71 20.08 -21.45
C ALA B 220 14.08 20.28 -20.80
N ALA B 221 14.32 21.43 -20.18
CA ALA B 221 15.66 21.77 -19.61
C ALA B 221 15.86 21.02 -18.29
N ASN B 222 14.80 20.53 -17.65
CA ASN B 222 14.90 19.94 -16.29
C ASN B 222 13.73 18.98 -16.07
N PRO B 223 13.69 17.90 -16.86
CA PRO B 223 12.51 17.03 -16.91
C PRO B 223 12.22 16.29 -15.62
N ILE B 224 10.97 15.83 -15.52
CA ILE B 224 10.45 15.02 -14.39
C ILE B 224 11.25 13.73 -14.35
N GLU B 225 11.84 13.40 -13.20
CA GLU B 225 12.63 12.15 -13.03
C GLU B 225 11.70 11.02 -12.59
N ARG B 226 10.75 10.67 -13.45
CA ARG B 226 9.85 9.53 -13.17
C ARG B 226 9.59 8.89 -14.52
N ASN B 227 9.33 7.59 -14.52
CA ASN B 227 8.88 6.84 -15.72
C ASN B 227 7.39 7.08 -15.96
N ASN B 228 6.94 6.81 -17.18
CA ASN B 228 5.52 6.82 -17.59
C ASN B 228 4.97 8.24 -17.44
N VAL B 229 5.71 9.21 -17.97
CA VAL B 229 5.35 10.65 -17.99
C VAL B 229 5.17 11.09 -19.44
N ALA B 230 4.09 11.81 -19.70
CA ALA B 230 3.89 12.62 -20.94
C ALA B 230 3.70 14.07 -20.52
N TYR B 231 3.92 15.00 -21.44
CA TYR B 231 3.82 16.45 -21.15
C TYR B 231 2.61 17.05 -21.88
N VAL B 232 2.00 18.01 -21.21
CA VAL B 232 0.78 18.73 -21.63
C VAL B 232 1.14 20.08 -22.25
N SER B 233 0.40 20.47 -23.27
CA SER B 233 0.25 21.88 -23.70
C SER B 233 -1.22 22.16 -23.99
N HIS B 234 -1.62 23.39 -23.78
CA HIS B 234 -2.93 23.99 -24.14
C HIS B 234 -2.69 25.11 -25.15
N PRO B 235 -2.26 24.76 -26.38
CA PRO B 235 -1.95 25.75 -27.41
C PRO B 235 -3.21 26.30 -28.07
N TYR B 236 -3.97 27.07 -27.30
CA TYR B 236 -5.18 27.80 -27.77
C TYR B 236 -4.78 28.82 -28.84
N PRO B 237 -5.71 29.20 -29.74
CA PRO B 237 -5.41 30.07 -30.89
C PRO B 237 -4.58 31.33 -30.66
N GLN B 238 -4.74 31.99 -29.51
CA GLN B 238 -4.20 33.34 -29.27
C GLN B 238 -3.12 33.28 -28.20
N LYS B 239 -2.63 32.08 -27.90
CA LYS B 239 -1.44 31.91 -27.03
C LYS B 239 -0.24 32.58 -27.73
N VAL B 240 -0.13 32.35 -29.03
CA VAL B 240 0.82 33.06 -29.94
C VAL B 240 0.10 33.42 -31.24
N GLY B 241 0.70 34.36 -31.98
CA GLY B 241 0.29 34.74 -33.34
C GLY B 241 1.12 34.01 -34.39
N ALA B 242 0.93 34.38 -35.66
CA ALA B 242 1.73 33.91 -36.81
C ALA B 242 3.19 34.35 -36.61
N PRO B 243 4.18 33.54 -37.04
CA PRO B 243 3.93 32.26 -37.72
C PRO B 243 3.64 31.12 -36.72
N TYR B 244 2.48 30.48 -36.86
CA TYR B 244 1.90 29.58 -35.83
C TYR B 244 2.83 28.38 -35.57
N GLN B 245 3.09 27.61 -36.61
CA GLN B 245 3.81 26.32 -36.55
C GLN B 245 5.18 26.53 -35.89
N ALA B 246 5.93 27.56 -36.29
CA ALA B 246 7.31 27.79 -35.80
C ALA B 246 7.23 28.17 -34.31
N ASN B 247 6.24 28.98 -33.94
CA ASN B 247 6.02 29.46 -32.56
C ASN B 247 5.63 28.27 -31.67
N TRP B 248 4.65 27.48 -32.09
CA TRP B 248 4.25 26.24 -31.39
C TRP B 248 5.44 25.29 -31.20
N GLU B 249 6.20 25.03 -32.27
CA GLU B 249 7.39 24.16 -32.23
C GLU B 249 8.36 24.66 -31.15
N ARG B 250 8.64 25.95 -31.12
CA ARG B 250 9.61 26.54 -30.16
C ARG B 250 9.06 26.32 -28.74
N ASP B 251 7.76 26.56 -28.52
CA ASP B 251 7.18 26.72 -27.17
C ASP B 251 6.86 25.36 -26.53
N PHE B 252 6.39 24.38 -27.33
CA PHE B 252 6.04 23.06 -26.77
C PHE B 252 6.31 21.93 -27.76
N GLY B 253 6.05 22.12 -29.06
CA GLY B 253 6.04 21.02 -30.05
C GLY B 253 7.33 20.19 -30.08
N PHE B 254 8.49 20.84 -29.98
CA PHE B 254 9.84 20.20 -30.00
C PHE B 254 9.91 19.09 -28.93
N MET B 255 9.14 19.22 -27.85
CA MET B 255 9.14 18.25 -26.72
C MET B 255 8.63 16.88 -27.20
N ALA B 256 7.79 16.87 -28.23
CA ALA B 256 7.23 15.63 -28.85
C ALA B 256 8.32 14.81 -29.53
N ASP B 257 9.51 15.37 -29.73
CA ASP B 257 10.68 14.61 -30.27
C ASP B 257 11.29 13.71 -29.19
N LYS B 258 11.04 13.94 -27.91
CA LYS B 258 11.76 13.31 -26.77
C LYS B 258 10.76 12.55 -25.85
N TYR B 259 9.55 13.10 -25.67
CA TYR B 259 8.46 12.59 -24.79
C TYR B 259 7.15 12.66 -25.57
N PRO B 260 6.11 11.85 -25.22
CA PRO B 260 4.79 12.05 -25.76
C PRO B 260 4.24 13.40 -25.25
N VAL B 261 3.56 14.13 -26.15
CA VAL B 261 2.86 15.40 -25.81
C VAL B 261 1.37 15.13 -25.99
N PHE B 262 0.62 15.45 -24.95
CA PHE B 262 -0.85 15.30 -24.89
C PHE B 262 -1.41 16.70 -24.74
N ALA B 263 -1.87 17.29 -25.84
CA ALA B 263 -2.52 18.61 -25.85
C ALA B 263 -3.92 18.45 -25.27
N THR B 264 -4.04 18.46 -23.95
CA THR B 264 -5.29 18.04 -23.25
C THR B 264 -6.36 19.13 -23.37
N GLU B 265 -6.03 20.34 -23.89
CA GLU B 265 -7.06 21.33 -24.31
C GLU B 265 -6.64 22.03 -25.61
N ILE B 266 -7.45 21.90 -26.66
CA ILE B 266 -7.46 22.81 -27.85
C ILE B 266 -8.90 23.17 -28.14
N GLY B 267 -9.13 24.37 -28.69
CA GLY B 267 -10.48 24.80 -29.07
C GLY B 267 -10.50 26.21 -29.60
N TYR B 268 -11.60 26.60 -30.22
CA TYR B 268 -11.74 27.88 -30.96
C TYR B 268 -13.20 28.14 -31.31
N GLN B 269 -13.52 29.42 -31.42
CA GLN B 269 -14.83 29.91 -31.88
C GLN B 269 -14.64 31.35 -32.40
N LEU B 270 -15.65 31.88 -33.11
CA LEU B 270 -15.62 33.26 -33.65
C LEU B 270 -15.76 34.22 -32.45
N ALA B 271 -15.32 35.47 -32.62
CA ALA B 271 -15.42 36.56 -31.62
C ALA B 271 -16.90 36.80 -31.20
N SER B 272 -17.84 36.51 -32.10
CA SER B 272 -19.31 36.69 -31.93
C SER B 272 -19.97 35.53 -31.17
N ASP B 273 -19.33 34.35 -31.08
CA ASP B 273 -19.94 33.11 -30.50
C ASP B 273 -20.02 33.25 -28.96
N LYS B 274 -20.87 32.43 -28.33
CA LYS B 274 -21.26 32.58 -26.91
C LYS B 274 -20.03 32.42 -25.98
N GLY B 275 -19.79 33.42 -25.11
CA GLY B 275 -18.70 33.43 -24.11
C GLY B 275 -17.32 33.55 -24.74
N ALA B 276 -17.22 33.96 -26.01
CA ALA B 276 -15.93 34.18 -26.71
C ALA B 276 -15.02 35.05 -25.82
N HIS B 277 -13.77 34.64 -25.66
CA HIS B 277 -12.80 35.32 -24.78
C HIS B 277 -11.39 34.99 -25.29
N ILE B 278 -10.41 35.80 -24.93
CA ILE B 278 -8.98 35.44 -25.13
C ILE B 278 -8.70 34.29 -24.16
N PRO B 279 -8.02 33.20 -24.57
CA PRO B 279 -7.34 33.05 -25.86
C PRO B 279 -7.94 32.11 -26.91
N VAL B 280 -9.26 32.03 -26.99
CA VAL B 280 -9.94 30.96 -27.77
C VAL B 280 -10.62 31.56 -29.00
N ILE B 281 -10.38 32.82 -29.30
CA ILE B 281 -11.01 33.50 -30.47
C ILE B 281 -10.15 33.26 -31.71
N ASP B 282 -10.78 32.97 -32.84
CA ASP B 282 -10.10 32.72 -34.12
C ASP B 282 -11.13 32.87 -35.25
N ASP B 283 -10.65 32.91 -36.51
CA ASP B 283 -11.53 33.01 -37.70
C ASP B 283 -12.02 31.62 -38.11
N GLY B 284 -11.40 30.54 -37.63
CA GLY B 284 -11.75 29.14 -37.96
C GLY B 284 -10.61 28.34 -38.57
N SER B 285 -9.53 29.03 -39.00
CA SER B 285 -8.38 28.41 -39.72
C SER B 285 -7.49 27.62 -38.74
N TYR B 286 -7.50 27.98 -37.45
CA TYR B 286 -6.75 27.28 -36.37
C TYR B 286 -7.11 25.80 -36.32
N GLY B 287 -8.41 25.48 -36.44
CA GLY B 287 -8.88 24.09 -36.43
C GLY B 287 -8.00 23.17 -37.28
N PRO B 288 -8.07 23.27 -38.63
CA PRO B 288 -7.22 22.48 -39.51
C PRO B 288 -5.72 22.69 -39.27
N ARG B 289 -5.31 23.90 -38.93
CA ARG B 289 -3.87 24.20 -38.75
C ARG B 289 -3.31 23.38 -37.58
N ILE B 290 -3.95 23.41 -36.41
CA ILE B 290 -3.43 22.74 -35.16
C ILE B 290 -3.56 21.22 -35.35
N THR B 291 -4.61 20.78 -36.01
CA THR B 291 -4.88 19.36 -36.35
C THR B 291 -3.80 18.82 -37.30
N ASP B 292 -3.39 19.61 -38.31
CA ASP B 292 -2.34 19.24 -39.29
C ASP B 292 -0.98 19.23 -38.60
N TYR B 293 -0.69 20.26 -37.81
CA TYR B 293 0.58 20.33 -37.05
C TYR B 293 0.71 19.08 -36.15
N PHE B 294 -0.35 18.69 -35.43
CA PHE B 294 -0.34 17.54 -34.49
C PHE B 294 -0.16 16.22 -35.26
N ALA B 295 -0.73 16.10 -36.46
CA ALA B 295 -0.56 14.89 -37.32
C ALA B 295 0.93 14.78 -37.74
N LYS B 296 1.60 15.88 -38.13
CA LYS B 296 3.05 15.87 -38.47
C LYS B 296 3.90 15.48 -37.26
N LYS B 297 3.48 15.87 -36.05
CA LYS B 297 4.29 15.73 -34.81
C LYS B 297 3.96 14.43 -34.05
N GLY B 298 2.87 13.74 -34.39
CA GLY B 298 2.43 12.52 -33.69
C GLY B 298 1.85 12.83 -32.31
N ILE B 299 1.25 14.02 -32.15
CA ILE B 299 0.78 14.60 -30.85
C ILE B 299 -0.69 14.22 -30.63
N SER B 300 -0.98 13.69 -29.44
CA SER B 300 -2.34 13.34 -28.95
C SER B 300 -3.05 14.62 -28.49
N TRP B 301 -4.37 14.72 -28.66
CA TRP B 301 -5.10 15.97 -28.33
C TRP B 301 -6.54 15.70 -27.84
N VAL B 302 -7.08 16.68 -27.15
CA VAL B 302 -8.41 16.65 -26.50
C VAL B 302 -9.01 18.04 -26.69
N ALA B 303 -10.08 18.09 -27.46
CA ALA B 303 -10.81 19.34 -27.76
C ALA B 303 -11.58 19.72 -26.50
N TRP B 304 -11.69 21.01 -26.23
CA TRP B 304 -12.38 21.53 -25.02
C TRP B 304 -13.75 22.05 -25.40
N VAL B 305 -14.67 21.13 -25.12
CA VAL B 305 -15.82 21.00 -24.16
C VAL B 305 -17.03 20.62 -24.96
N PHE B 306 -17.31 19.34 -24.83
CA PHE B 306 -18.58 18.68 -25.17
C PHE B 306 -19.64 19.13 -24.17
N ASP B 307 -20.01 20.39 -24.29
CA ASP B 307 -20.93 21.12 -23.37
C ASP B 307 -21.46 22.31 -24.16
N PRO B 308 -22.76 22.63 -24.06
CA PRO B 308 -23.33 23.76 -24.80
C PRO B 308 -23.23 25.10 -24.09
N ASP B 309 -22.75 25.15 -22.84
CA ASP B 309 -22.65 26.41 -22.03
C ASP B 309 -21.18 26.87 -21.98
N TRP B 310 -20.25 26.02 -21.53
CA TRP B 310 -18.83 26.38 -21.34
C TRP B 310 -18.18 26.70 -22.69
N SER B 311 -17.38 27.75 -22.71
CA SER B 311 -16.71 28.31 -23.93
C SER B 311 -15.29 27.77 -24.06
N PRO B 312 -14.82 27.38 -25.27
CA PRO B 312 -15.67 27.28 -26.46
C PRO B 312 -16.46 25.96 -26.52
N GLN B 313 -17.71 26.07 -26.99
CA GLN B 313 -18.69 24.96 -27.07
C GLN B 313 -18.39 24.10 -28.30
N MET B 314 -18.46 22.78 -28.14
CA MET B 314 -18.36 21.80 -29.24
C MET B 314 -19.76 21.49 -29.78
N ILE B 315 -20.80 21.74 -28.96
CA ILE B 315 -22.24 21.46 -29.29
C ILE B 315 -23.08 22.71 -29.03
N LYS B 316 -24.09 22.95 -29.89
CA LYS B 316 -24.90 24.21 -29.87
C LYS B 316 -25.94 24.15 -28.75
N SER B 317 -26.39 22.95 -28.36
CA SER B 317 -27.49 22.71 -27.39
C SER B 317 -27.44 21.24 -26.94
N TRP B 318 -28.38 20.82 -26.10
CA TRP B 318 -28.51 19.38 -25.70
C TRP B 318 -29.11 18.53 -26.83
N ASP B 319 -29.32 19.06 -28.04
CA ASP B 319 -29.70 18.21 -29.20
C ASP B 319 -28.41 17.73 -29.88
N TYR B 320 -27.25 18.25 -29.45
CA TYR B 320 -25.88 17.74 -29.79
C TYR B 320 -25.48 18.10 -31.23
N GLU B 321 -26.04 19.16 -31.80
CA GLU B 321 -25.61 19.69 -33.13
C GLU B 321 -24.19 20.26 -32.96
N PRO B 322 -23.22 19.86 -33.79
CA PRO B 322 -21.88 20.45 -33.70
C PRO B 322 -21.80 21.93 -34.07
N THR B 323 -20.94 22.66 -33.33
CA THR B 323 -20.46 24.03 -33.62
C THR B 323 -19.40 23.96 -34.72
N MET B 324 -18.85 25.11 -35.12
CA MET B 324 -17.73 25.13 -36.08
C MET B 324 -16.64 24.13 -35.62
N GLN B 325 -16.21 24.23 -34.37
CA GLN B 325 -15.03 23.47 -33.86
C GLN B 325 -15.44 22.00 -33.71
N GLY B 326 -16.68 21.74 -33.27
CA GLY B 326 -17.22 20.36 -33.19
C GLY B 326 -17.12 19.65 -34.52
N GLU B 327 -17.57 20.31 -35.59
CA GLU B 327 -17.58 19.73 -36.97
C GLU B 327 -16.15 19.27 -37.26
N HIS B 328 -15.18 20.19 -37.10
CA HIS B 328 -13.77 19.93 -37.50
C HIS B 328 -13.18 18.77 -36.68
N PHE B 329 -13.29 18.81 -35.35
CA PHE B 329 -12.67 17.78 -34.48
C PHE B 329 -13.34 16.44 -34.75
N ARG B 330 -14.66 16.42 -34.99
CA ARG B 330 -15.37 15.15 -35.28
C ARG B 330 -14.81 14.53 -36.58
N LYS B 331 -14.67 15.33 -37.65
CA LYS B 331 -14.17 14.88 -38.98
C LYS B 331 -12.80 14.24 -38.76
N VAL B 332 -11.92 14.90 -38.02
CA VAL B 332 -10.55 14.35 -37.75
C VAL B 332 -10.64 13.09 -36.88
N MET B 333 -11.46 13.05 -35.84
CA MET B 333 -11.55 11.82 -34.99
C MET B 333 -12.13 10.65 -35.81
N LEU B 334 -13.16 10.89 -36.62
CA LEU B 334 -13.80 9.81 -37.44
C LEU B 334 -12.80 9.26 -38.46
N LYS B 335 -12.04 10.15 -39.11
CA LYS B 335 -11.09 9.71 -40.16
C LYS B 335 -9.91 8.97 -39.51
N GLU B 336 -9.30 9.52 -38.46
CA GLU B 336 -7.93 9.14 -38.02
C GLU B 336 -7.93 8.13 -36.85
N ASN B 337 -8.98 8.03 -36.03
CA ASN B 337 -9.02 7.09 -34.86
C ASN B 337 -9.30 5.67 -35.37
N LYS B 338 -8.35 4.75 -35.18
CA LYS B 338 -8.29 3.40 -35.84
C LYS B 338 -8.85 3.47 -37.29
N GLN C 6 0.74 -48.17 9.19
CA GLN C 6 1.75 -47.31 9.85
C GLN C 6 2.20 -47.97 11.17
N ASN C 7 3.51 -48.21 11.33
CA ASN C 7 4.16 -48.71 12.57
C ASN C 7 4.10 -47.58 13.63
N THR C 8 5.06 -46.65 13.64
CA THR C 8 5.01 -45.33 14.36
C THR C 8 5.22 -44.21 13.32
N SER C 9 4.65 -44.37 12.12
CA SER C 9 4.98 -43.59 10.89
C SER C 9 3.80 -42.74 10.38
N GLY C 10 2.55 -43.05 10.75
CA GLY C 10 1.30 -42.32 10.37
C GLY C 10 1.11 -41.08 11.24
N TRP C 11 0.36 -40.08 10.74
CA TRP C 11 0.14 -38.79 11.46
C TRP C 11 -0.34 -38.97 12.91
N TRP C 12 -1.14 -40.01 13.15
CA TRP C 12 -1.91 -40.23 14.41
C TRP C 12 -1.10 -41.07 15.41
N ASN C 13 -0.01 -41.73 15.01
CA ASN C 13 0.76 -42.63 15.93
C ASN C 13 2.27 -42.31 15.87
N ALA C 14 2.68 -41.32 15.06
CA ALA C 14 4.11 -40.94 14.94
C ALA C 14 4.63 -40.56 16.32
N GLY C 15 5.85 -41.04 16.66
CA GLY C 15 6.60 -40.70 17.87
C GLY C 15 6.96 -39.23 17.96
N ASP C 16 7.79 -38.87 18.95
CA ASP C 16 8.49 -37.56 19.00
C ASP C 16 9.32 -37.49 17.72
N VAL C 17 9.30 -36.34 17.05
CA VAL C 17 10.10 -36.08 15.81
C VAL C 17 11.26 -35.16 16.15
N PRO C 18 12.54 -35.51 15.85
CA PRO C 18 13.66 -34.62 16.20
C PRO C 18 13.41 -33.23 15.60
N ALA C 19 13.68 -32.14 16.34
CA ALA C 19 13.64 -30.75 15.81
C ALA C 19 14.47 -30.66 14.52
N PHE C 20 14.26 -29.62 13.75
CA PHE C 20 15.12 -29.26 12.60
C PHE C 20 16.34 -28.52 13.16
N ASP C 21 17.54 -28.93 12.76
CA ASP C 21 18.81 -28.25 13.14
C ASP C 21 18.99 -27.03 12.22
N LYS C 22 18.73 -25.83 12.75
CA LYS C 22 18.93 -24.52 12.06
C LYS C 22 20.42 -24.08 12.04
N ARG C 23 21.31 -24.90 12.60
CA ARG C 23 22.79 -24.72 12.55
C ARG C 23 23.31 -25.23 11.19
N GLN C 24 22.47 -25.76 10.29
CA GLN C 24 22.84 -26.07 8.88
C GLN C 24 22.79 -24.79 8.02
N LEU C 25 22.10 -23.74 8.50
CA LEU C 25 21.69 -22.59 7.65
C LEU C 25 22.63 -21.41 7.93
N SER C 26 23.06 -20.71 6.89
CA SER C 26 24.03 -19.59 6.99
C SER C 26 23.36 -18.28 6.54
N ARG C 27 22.26 -18.37 5.80
CA ARG C 27 21.53 -17.20 5.25
C ARG C 27 20.15 -17.13 5.89
N GLN C 28 19.73 -15.92 6.23
CA GLN C 28 18.33 -15.58 6.55
C GLN C 28 17.87 -14.59 5.48
N LEU C 29 17.03 -15.06 4.55
CA LEU C 29 16.49 -14.20 3.46
C LEU C 29 15.56 -13.16 4.06
N PRO C 30 15.23 -12.06 3.36
CA PRO C 30 14.32 -11.06 3.91
C PRO C 30 12.95 -11.69 4.26
N LEU C 31 12.39 -11.25 5.39
CA LEU C 31 11.02 -11.55 5.83
C LEU C 31 10.02 -10.95 4.86
N ILE C 32 9.19 -11.80 4.22
CA ILE C 32 8.08 -11.40 3.32
C ILE C 32 6.77 -11.37 4.08
N ARG C 33 5.92 -10.41 3.76
CA ARG C 33 4.55 -10.30 4.31
C ARG C 33 3.60 -9.90 3.19
N VAL C 34 2.31 -10.15 3.40
CA VAL C 34 1.21 -9.53 2.62
C VAL C 34 0.92 -8.14 3.18
N ASP C 35 0.97 -7.12 2.31
CA ASP C 35 0.44 -5.75 2.55
C ASP C 35 -0.55 -5.42 1.42
N GLY C 36 -1.85 -5.39 1.77
CA GLY C 36 -2.98 -5.24 0.84
C GLY C 36 -2.86 -6.26 -0.29
N ASN C 37 -2.58 -5.77 -1.49
CA ASN C 37 -2.67 -6.55 -2.74
C ASN C 37 -1.29 -7.07 -3.16
N ARG C 38 -0.22 -6.94 -2.36
CA ARG C 38 1.11 -7.42 -2.82
C ARG C 38 1.94 -8.03 -1.69
N PHE C 39 2.94 -8.80 -2.10
CA PHE C 39 4.05 -9.27 -1.23
C PHE C 39 5.05 -8.13 -1.09
N VAL C 40 5.52 -7.88 0.13
CA VAL C 40 6.54 -6.83 0.42
C VAL C 40 7.56 -7.36 1.42
N ASP C 41 8.76 -6.75 1.44
CA ASP C 41 9.83 -7.07 2.43
C ASP C 41 9.65 -6.17 3.66
N GLU C 42 10.65 -6.08 4.55
CA GLU C 42 10.55 -5.30 5.81
C GLU C 42 10.40 -3.80 5.53
N GLN C 43 10.80 -3.31 4.36
CA GLN C 43 10.83 -1.87 4.02
C GLN C 43 9.59 -1.51 3.19
N GLY C 44 8.76 -2.50 2.85
CA GLY C 44 7.52 -2.27 2.08
C GLY C 44 7.75 -2.26 0.57
N ASN C 45 8.90 -2.76 0.13
CA ASN C 45 9.26 -2.93 -1.31
C ASN C 45 8.55 -4.15 -1.89
N VAL C 46 7.93 -3.97 -3.04
CA VAL C 46 7.11 -5.02 -3.71
C VAL C 46 8.05 -6.18 -4.07
N GLN C 47 7.64 -7.42 -3.80
CA GLN C 47 8.39 -8.64 -4.21
C GLN C 47 7.50 -9.45 -5.16
N ILE C 48 8.06 -9.89 -6.28
CA ILE C 48 7.39 -10.78 -7.26
C ILE C 48 8.22 -12.05 -7.35
N PHE C 49 7.57 -13.21 -7.19
CA PHE C 49 8.20 -14.54 -7.20
C PHE C 49 7.86 -15.19 -8.51
N ARG C 50 8.89 -15.73 -9.16
CA ARG C 50 8.83 -16.47 -10.46
C ARG C 50 9.74 -17.69 -10.29
N GLY C 51 9.16 -18.89 -10.29
CA GLY C 51 9.90 -20.10 -9.90
C GLY C 51 9.34 -21.37 -10.49
N VAL C 52 9.71 -22.51 -9.88
CA VAL C 52 9.35 -23.86 -10.41
C VAL C 52 8.90 -24.74 -9.25
N SER C 53 8.03 -25.70 -9.55
CA SER C 53 7.79 -26.89 -8.68
C SER C 53 8.86 -27.94 -9.01
N ILE C 54 9.52 -28.46 -8.00
CA ILE C 54 10.19 -29.77 -8.11
C ILE C 54 9.07 -30.81 -8.11
N SER C 55 9.38 -32.01 -8.57
CA SER C 55 8.57 -33.21 -8.31
C SER C 55 8.66 -33.49 -6.81
N ASP C 56 7.79 -34.36 -6.31
CA ASP C 56 7.76 -34.76 -4.88
C ASP C 56 9.17 -35.21 -4.52
N PRO C 57 9.79 -34.67 -3.44
CA PRO C 57 11.04 -35.23 -2.93
C PRO C 57 11.10 -36.77 -2.87
N ASN C 58 9.98 -37.43 -2.56
CA ASN C 58 9.88 -38.89 -2.56
C ASN C 58 10.29 -39.45 -3.93
N LYS C 59 9.81 -38.85 -5.03
CA LYS C 59 10.19 -39.30 -6.40
C LYS C 59 11.67 -38.99 -6.67
N LEU C 60 12.13 -37.78 -6.38
CA LEU C 60 13.54 -37.38 -6.61
C LEU C 60 14.49 -38.39 -5.93
N ALA C 61 14.22 -38.77 -4.70
CA ALA C 61 15.10 -39.65 -3.89
C ALA C 61 15.11 -41.04 -4.55
N LYS C 62 13.95 -41.53 -4.98
CA LYS C 62 13.83 -42.84 -5.72
C LYS C 62 14.62 -42.79 -7.05
N ASP C 63 14.59 -41.66 -7.76
CA ASP C 63 15.26 -41.47 -9.08
C ASP C 63 16.75 -41.16 -8.90
N GLN C 64 17.22 -41.03 -7.64
CA GLN C 64 18.61 -40.67 -7.29
C GLN C 64 18.98 -39.26 -7.79
N HIS C 65 18.03 -38.32 -7.84
CA HIS C 65 18.32 -36.91 -8.19
C HIS C 65 17.99 -35.95 -7.03
N PHE C 66 17.77 -36.50 -5.84
CA PHE C 66 17.58 -35.65 -4.64
C PHE C 66 18.96 -35.25 -4.15
N ASN C 67 19.60 -34.32 -4.85
CA ASN C 67 20.99 -33.90 -4.53
C ASN C 67 21.13 -32.39 -4.77
N LYS C 68 22.23 -31.81 -4.27
CA LYS C 68 22.50 -30.36 -4.36
C LYS C 68 22.53 -29.90 -5.82
N LYS C 69 23.04 -30.75 -6.73
CA LYS C 69 23.21 -30.40 -8.17
C LYS C 69 21.84 -30.03 -8.74
N HIS C 70 20.81 -30.81 -8.42
CA HIS C 70 19.42 -30.61 -8.90
C HIS C 70 18.99 -29.18 -8.56
N PHE C 71 19.23 -28.76 -7.32
CA PHE C 71 18.83 -27.44 -6.79
C PHE C 71 19.71 -26.32 -7.41
N ASP C 72 21.00 -26.57 -7.63
CA ASP C 72 21.94 -25.58 -8.26
C ASP C 72 21.47 -25.29 -9.69
N VAL C 73 21.03 -26.31 -10.42
CA VAL C 73 20.52 -26.12 -11.82
C VAL C 73 19.27 -25.24 -11.73
N ILE C 74 18.36 -25.54 -10.81
CA ILE C 74 17.12 -24.72 -10.63
C ILE C 74 17.54 -23.26 -10.41
N ARG C 75 18.45 -23.02 -9.47
CA ARG C 75 19.00 -21.67 -9.20
C ARG C 75 19.55 -21.05 -10.48
N SER C 76 20.32 -21.81 -11.27
CA SER C 76 20.99 -21.31 -12.50
C SER C 76 19.94 -20.88 -13.54
N TRP C 77 18.67 -21.26 -13.40
CA TRP C 77 17.58 -20.80 -14.31
C TRP C 77 17.01 -19.44 -13.88
N GLY C 78 17.50 -18.83 -12.81
CA GLY C 78 17.01 -17.53 -12.33
C GLY C 78 15.91 -17.67 -11.27
N THR C 79 15.43 -18.90 -11.03
CA THR C 79 14.41 -19.29 -10.03
C THR C 79 14.65 -18.58 -8.69
N ASN C 80 13.67 -17.80 -8.20
CA ASN C 80 13.73 -17.20 -6.84
C ASN C 80 12.73 -17.88 -5.88
N VAL C 81 12.00 -18.91 -6.31
CA VAL C 81 11.11 -19.71 -5.41
C VAL C 81 11.00 -21.15 -5.91
N VAL C 82 11.11 -22.12 -5.00
CA VAL C 82 10.87 -23.55 -5.31
C VAL C 82 9.62 -24.03 -4.56
N ARG C 83 8.68 -24.64 -5.28
CA ARG C 83 7.47 -25.25 -4.69
C ARG C 83 7.69 -26.75 -4.51
N ILE C 84 7.40 -27.26 -3.32
CA ILE C 84 7.58 -28.67 -2.91
C ILE C 84 6.21 -29.33 -2.78
N PRO C 85 5.77 -30.10 -3.79
CA PRO C 85 4.47 -30.76 -3.74
C PRO C 85 4.52 -32.06 -2.94
N VAL C 86 4.23 -31.97 -1.65
CA VAL C 86 4.11 -33.14 -0.74
C VAL C 86 2.80 -33.89 -1.04
N HIS C 87 2.85 -35.01 -1.77
CA HIS C 87 1.67 -35.89 -2.02
C HIS C 87 1.37 -36.64 -0.72
N PRO C 88 0.14 -36.57 -0.19
CA PRO C 88 -0.19 -37.30 1.04
C PRO C 88 0.21 -38.79 1.04
N SER C 89 0.10 -39.43 -0.13
CA SER C 89 0.52 -40.86 -0.34
C SER C 89 2.02 -41.03 -0.10
N ALA C 90 2.87 -40.10 -0.57
CA ALA C 90 4.34 -40.08 -0.31
C ALA C 90 4.64 -39.81 1.18
N TRP C 91 3.91 -38.89 1.79
CA TRP C 91 3.98 -38.61 3.24
C TRP C 91 3.73 -39.92 4.01
N ARG C 92 2.78 -40.74 3.56
CA ARG C 92 2.47 -42.01 4.26
C ARG C 92 3.55 -43.05 3.95
N GLU C 93 3.98 -43.14 2.70
CA GLU C 93 4.95 -44.14 2.23
C GLU C 93 6.26 -43.96 3.02
N ARG C 94 6.79 -42.73 3.16
CA ARG C 94 7.95 -42.47 4.04
C ARG C 94 7.38 -42.38 5.46
N GLY C 95 8.16 -42.41 6.52
CA GLY C 95 7.52 -41.98 7.81
C GLY C 95 6.98 -40.54 7.72
N VAL C 96 6.26 -40.07 8.71
CA VAL C 96 6.34 -38.63 9.12
C VAL C 96 7.83 -38.26 9.23
N LYS C 97 8.56 -39.03 10.04
CA LYS C 97 10.00 -38.81 10.38
C LYS C 97 10.81 -38.85 9.07
N GLY C 98 10.61 -39.90 8.28
CA GLY C 98 11.28 -40.14 6.98
C GLY C 98 11.03 -39.01 6.00
N TYR C 99 9.79 -38.53 5.92
CA TYR C 99 9.44 -37.46 4.95
C TYR C 99 10.05 -36.13 5.41
N LEU C 100 10.01 -35.83 6.70
CA LEU C 100 10.55 -34.54 7.21
C LEU C 100 12.07 -34.47 7.01
N GLU C 101 12.77 -35.62 6.96
CA GLU C 101 14.21 -35.65 6.61
C GLU C 101 14.39 -35.16 5.18
N LEU C 102 13.57 -35.60 4.24
CA LEU C 102 13.64 -35.09 2.85
C LEU C 102 13.33 -33.59 2.83
N LEU C 103 12.27 -33.16 3.53
CA LEU C 103 11.73 -31.78 3.41
C LEU C 103 12.75 -30.81 4.04
N ASP C 104 13.35 -31.18 5.17
CA ASP C 104 14.48 -30.46 5.80
C ASP C 104 15.62 -30.21 4.80
N GLN C 105 16.02 -31.26 4.07
CA GLN C 105 17.18 -31.18 3.15
C GLN C 105 16.80 -30.27 1.97
N ALA C 106 15.61 -30.45 1.38
CA ALA C 106 15.13 -29.62 0.25
C ALA C 106 15.13 -28.15 0.67
N ILE C 107 14.59 -27.87 1.85
CA ILE C 107 14.46 -26.48 2.37
C ILE C 107 15.84 -25.89 2.63
N THR C 108 16.77 -26.70 3.16
CA THR C 108 18.17 -26.27 3.42
C THR C 108 18.79 -25.85 2.08
N TRP C 109 18.64 -26.64 1.03
CA TRP C 109 19.28 -26.37 -0.27
C TRP C 109 18.68 -25.08 -0.86
N ASN C 110 17.36 -24.96 -0.86
CA ASN C 110 16.68 -23.73 -1.34
C ASN C 110 17.25 -22.52 -0.58
N ASN C 111 17.22 -22.57 0.75
CA ASN C 111 17.65 -21.47 1.63
C ASN C 111 19.08 -21.06 1.24
N GLU C 112 19.99 -22.03 1.17
CA GLU C 112 21.43 -21.73 0.93
C GLU C 112 21.61 -21.15 -0.48
N LEU C 113 20.73 -21.48 -1.42
CA LEU C 113 20.82 -20.97 -2.80
C LEU C 113 20.10 -19.63 -2.99
N GLY C 114 19.58 -19.03 -1.91
CA GLY C 114 18.82 -17.76 -1.93
C GLY C 114 17.43 -17.87 -2.53
N MET C 115 16.82 -19.06 -2.51
CA MET C 115 15.47 -19.31 -3.07
C MET C 115 14.44 -19.50 -1.94
N TYR C 116 13.30 -18.84 -2.06
CA TYR C 116 12.14 -19.05 -1.16
C TYR C 116 11.54 -20.44 -1.44
N THR C 117 10.83 -20.97 -0.43
CA THR C 117 10.13 -22.29 -0.49
C THR C 117 8.63 -22.06 -0.37
N ILE C 118 7.84 -22.73 -1.20
CA ILE C 118 6.41 -23.01 -0.93
C ILE C 118 6.30 -24.46 -0.49
N ILE C 119 5.74 -24.70 0.69
CA ILE C 119 5.28 -26.06 1.07
C ILE C 119 3.85 -26.22 0.57
N ASP C 120 3.64 -27.16 -0.34
CA ASP C 120 2.32 -27.44 -0.96
C ASP C 120 1.85 -28.81 -0.47
N TRP C 121 0.77 -28.87 0.30
CA TRP C 121 0.09 -30.15 0.63
C TRP C 121 -0.62 -30.60 -0.65
N HIS C 122 -0.02 -31.47 -1.43
CA HIS C 122 -0.42 -31.68 -2.86
C HIS C 122 -1.53 -32.72 -2.95
N SER C 123 -2.74 -32.34 -2.56
CA SER C 123 -3.97 -33.16 -2.71
C SER C 123 -4.78 -32.59 -3.85
N MET C 124 -5.94 -33.18 -4.09
CA MET C 124 -6.76 -32.85 -5.26
C MET C 124 -8.14 -33.45 -5.04
N GLY C 125 -9.14 -32.59 -4.84
CA GLY C 125 -10.55 -32.96 -4.71
C GLY C 125 -11.21 -32.20 -3.57
N ASN C 126 -11.94 -32.95 -2.74
CA ASN C 126 -12.91 -32.41 -1.76
C ASN C 126 -12.54 -32.97 -0.41
N LEU C 127 -11.73 -32.20 0.32
CA LEU C 127 -11.23 -32.60 1.66
C LEU C 127 -12.43 -32.84 2.56
N LYS C 128 -13.43 -31.97 2.56
CA LYS C 128 -14.58 -32.06 3.50
C LYS C 128 -15.26 -33.44 3.40
N SER C 129 -15.47 -33.94 2.20
CA SER C 129 -16.26 -35.16 1.91
C SER C 129 -15.30 -36.36 1.72
N GLU C 130 -13.98 -36.13 1.77
CA GLU C 130 -12.91 -37.17 1.64
C GLU C 130 -13.06 -37.87 0.28
N MET C 131 -13.23 -37.09 -0.79
CA MET C 131 -13.27 -37.64 -2.17
C MET C 131 -12.17 -36.93 -2.97
N PHE C 132 -11.20 -37.71 -3.43
CA PHE C 132 -9.97 -37.24 -4.08
C PHE C 132 -9.94 -37.77 -5.52
N GLN C 133 -9.28 -37.04 -6.40
CA GLN C 133 -9.17 -37.41 -7.85
C GLN C 133 -8.70 -38.86 -7.94
N ASN C 134 -7.81 -39.25 -7.03
CA ASN C 134 -7.04 -40.50 -7.16
C ASN C 134 -6.41 -40.81 -5.79
N SER C 135 -6.15 -42.10 -5.51
CA SER C 135 -5.60 -42.60 -4.22
C SER C 135 -4.30 -41.88 -3.84
N MET C 136 -3.53 -41.42 -4.82
CA MET C 136 -2.21 -40.78 -4.55
C MET C 136 -2.41 -39.42 -3.87
N TYR C 137 -3.62 -38.86 -3.91
CA TYR C 137 -4.00 -37.56 -3.28
C TYR C 137 -4.78 -37.77 -1.97
N HIS C 138 -5.15 -39.00 -1.65
CA HIS C 138 -6.05 -39.31 -0.51
C HIS C 138 -5.49 -38.74 0.79
N THR C 139 -6.31 -38.03 1.54
CA THR C 139 -5.95 -37.50 2.87
C THR C 139 -7.23 -37.36 3.69
N SER C 140 -7.10 -36.72 4.83
CA SER C 140 -8.21 -36.45 5.78
C SER C 140 -7.94 -35.08 6.40
N LYS C 141 -8.97 -34.47 6.96
CA LYS C 141 -8.88 -33.21 7.71
C LYS C 141 -7.84 -33.40 8.83
N GLY C 142 -7.87 -34.52 9.55
CA GLY C 142 -6.93 -34.78 10.65
C GLY C 142 -5.50 -34.80 10.14
N GLU C 143 -5.26 -35.50 9.02
CA GLU C 143 -3.89 -35.66 8.46
C GLU C 143 -3.42 -34.30 7.93
N THR C 144 -4.33 -33.55 7.31
CA THR C 144 -4.01 -32.23 6.70
C THR C 144 -3.65 -31.24 7.84
N PHE C 145 -4.47 -31.15 8.86
CA PHE C 145 -4.20 -30.23 9.99
C PHE C 145 -2.88 -30.65 10.63
N ASP C 146 -2.66 -31.97 10.82
CA ASP C 146 -1.44 -32.50 11.46
C ASP C 146 -0.22 -32.09 10.63
N PHE C 147 -0.26 -32.28 9.32
CA PHE C 147 0.87 -31.85 8.46
C PHE C 147 1.17 -30.36 8.71
N TRP C 148 0.16 -29.47 8.67
CA TRP C 148 0.38 -28.01 8.81
C TRP C 148 0.89 -27.71 10.22
N ARG C 149 0.38 -28.40 11.23
CA ARG C 149 0.91 -28.28 12.61
C ARG C 149 2.42 -28.57 12.65
N ARG C 150 2.85 -29.64 11.99
CA ARG C 150 4.26 -30.12 12.08
C ARG C 150 5.17 -29.15 11.33
N VAL C 151 4.85 -28.83 10.07
CA VAL C 151 5.77 -28.01 9.22
C VAL C 151 5.78 -26.55 9.67
N SER C 152 4.65 -25.98 10.09
CA SER C 152 4.59 -24.56 10.54
C SER C 152 5.49 -24.36 11.76
N GLU C 153 5.47 -25.29 12.72
CA GLU C 153 6.37 -25.20 13.91
C GLU C 153 7.83 -25.43 13.49
N ARG C 154 8.08 -26.49 12.72
CA ARG C 154 9.44 -26.96 12.39
C ARG C 154 10.23 -25.83 11.66
N TYR C 155 9.61 -25.05 10.77
CA TYR C 155 10.31 -24.05 9.91
C TYR C 155 10.02 -22.62 10.39
N ASN C 156 9.40 -22.50 11.56
CA ASN C 156 9.18 -21.18 12.19
C ASN C 156 10.53 -20.46 12.34
N GLY C 157 10.62 -19.21 11.90
CA GLY C 157 11.82 -18.37 12.05
C GLY C 157 12.70 -18.41 10.81
N ILE C 158 12.42 -19.28 9.84
CA ILE C 158 13.19 -19.39 8.57
C ILE C 158 12.41 -18.64 7.52
N ASN C 159 12.82 -17.41 7.27
CA ASN C 159 12.07 -16.47 6.39
C ASN C 159 11.91 -17.09 5.01
N SER C 160 12.88 -17.84 4.53
CA SER C 160 12.86 -18.42 3.16
C SER C 160 11.68 -19.37 3.03
N VAL C 161 11.27 -20.03 4.12
CA VAL C 161 10.06 -20.89 4.15
C VAL C 161 8.87 -19.97 4.43
N ALA C 162 8.46 -19.23 3.41
CA ALA C 162 7.61 -18.03 3.48
C ALA C 162 6.14 -18.42 3.29
N PHE C 163 5.90 -19.44 2.46
CA PHE C 163 4.59 -19.72 1.86
C PHE C 163 4.11 -21.15 2.19
N TYR C 164 2.86 -21.25 2.64
CA TYR C 164 2.20 -22.47 3.12
C TYR C 164 0.93 -22.61 2.29
N GLU C 165 0.95 -23.50 1.30
CA GLU C 165 -0.15 -23.69 0.33
C GLU C 165 -1.03 -24.82 0.86
N ILE C 166 -2.14 -24.43 1.50
CA ILE C 166 -3.04 -25.28 2.33
C ILE C 166 -3.40 -26.58 1.61
N PHE C 167 -3.83 -26.50 0.36
CA PHE C 167 -4.41 -27.67 -0.36
C PHE C 167 -4.37 -27.40 -1.88
N ASN C 168 -3.51 -28.15 -2.58
CA ASN C 168 -3.10 -27.91 -3.98
C ASN C 168 -4.32 -27.53 -4.83
N GLU C 169 -5.22 -28.50 -5.09
CA GLU C 169 -6.30 -28.33 -6.11
C GLU C 169 -7.65 -28.77 -5.54
N PRO C 170 -8.41 -27.84 -4.94
CA PRO C 170 -9.79 -28.11 -4.57
C PRO C 170 -10.65 -28.30 -5.83
N THR C 171 -11.45 -29.36 -5.86
CA THR C 171 -12.40 -29.61 -6.96
C THR C 171 -13.49 -30.57 -6.48
N VAL C 172 -14.68 -30.41 -7.06
CA VAL C 172 -15.79 -31.37 -6.83
C VAL C 172 -16.00 -32.16 -8.12
N PHE C 173 -15.28 -31.80 -9.19
CA PHE C 173 -15.34 -32.54 -10.48
C PHE C 173 -16.81 -32.66 -10.87
N SER C 174 -17.53 -31.54 -10.88
CA SER C 174 -18.94 -31.45 -11.33
C SER C 174 -19.86 -32.32 -10.47
N GLY C 175 -19.48 -32.64 -9.21
CA GLY C 175 -20.31 -33.43 -8.28
C GLY C 175 -19.82 -34.87 -8.11
N ARG C 176 -18.91 -35.34 -8.97
CA ARG C 176 -18.38 -36.70 -8.88
C ARG C 176 -17.64 -36.83 -7.54
N LEU C 177 -17.05 -35.73 -7.03
CA LEU C 177 -16.38 -35.71 -5.70
C LEU C 177 -17.24 -34.96 -4.69
N GLY C 178 -18.56 -34.96 -4.89
CA GLY C 178 -19.51 -34.51 -3.86
C GLY C 178 -19.69 -33.00 -3.83
N ILE C 179 -19.94 -32.49 -2.63
CA ILE C 179 -20.47 -31.11 -2.40
C ILE C 179 -19.66 -30.46 -1.28
N VAL C 180 -19.18 -29.25 -1.58
CA VAL C 180 -18.59 -28.34 -0.58
C VAL C 180 -18.83 -26.92 -1.08
N SER C 181 -19.40 -26.08 -0.23
CA SER C 181 -19.63 -24.63 -0.54
C SER C 181 -18.30 -23.90 -0.35
N TRP C 182 -18.11 -22.78 -1.03
CA TRP C 182 -17.00 -21.85 -0.73
C TRP C 182 -16.99 -21.53 0.78
N ALA C 183 -18.16 -21.30 1.40
CA ALA C 183 -18.25 -20.91 2.83
C ALA C 183 -17.61 -22.02 3.69
N GLU C 184 -17.91 -23.28 3.42
CA GLU C 184 -17.38 -24.45 4.18
C GLU C 184 -15.86 -24.55 3.96
N TRP C 185 -15.39 -24.35 2.74
CA TRP C 185 -13.95 -24.37 2.36
C TRP C 185 -13.22 -23.23 3.06
N LYS C 186 -13.83 -22.05 3.13
CA LYS C 186 -13.28 -20.86 3.82
C LYS C 186 -13.04 -21.22 5.30
N ALA C 187 -13.99 -21.88 5.95
CA ALA C 187 -13.90 -22.27 7.37
C ALA C 187 -12.76 -23.27 7.58
N ILE C 188 -12.60 -24.23 6.67
CA ILE C 188 -11.50 -25.23 6.74
C ILE C 188 -10.17 -24.49 6.59
N ASN C 189 -10.03 -23.66 5.55
CA ASN C 189 -8.80 -22.86 5.35
C ASN C 189 -8.53 -22.04 6.63
N GLU C 190 -9.55 -21.41 7.21
CA GLU C 190 -9.35 -20.51 8.38
C GLU C 190 -8.77 -21.32 9.54
N GLU C 191 -9.22 -22.55 9.74
CA GLU C 191 -8.71 -23.41 10.84
C GLU C 191 -7.25 -23.81 10.56
N ALA C 192 -6.94 -24.20 9.33
CA ALA C 192 -5.58 -24.53 8.87
C ALA C 192 -4.67 -23.31 9.14
N ILE C 193 -5.11 -22.11 8.79
CA ILE C 193 -4.30 -20.88 8.96
C ILE C 193 -4.18 -20.55 10.46
N THR C 194 -5.21 -20.75 11.26
CA THR C 194 -5.10 -20.60 12.74
C THR C 194 -3.98 -21.53 13.28
N ILE C 195 -3.98 -22.78 12.86
CA ILE C 195 -2.96 -23.78 13.29
C ILE C 195 -1.60 -23.25 12.88
N ILE C 196 -1.44 -22.83 11.62
CA ILE C 196 -0.14 -22.36 11.08
C ILE C 196 0.33 -21.13 11.90
N GLN C 197 -0.53 -20.14 12.07
CA GLN C 197 -0.17 -18.84 12.73
C GLN C 197 0.14 -19.02 14.23
N ALA C 198 -0.46 -19.99 14.89
CA ALA C 198 -0.22 -20.29 16.32
C ALA C 198 1.19 -20.85 16.49
N HIS C 199 1.73 -21.53 15.46
CA HIS C 199 3.10 -22.11 15.50
C HIS C 199 4.09 -21.12 14.85
N ASN C 200 3.61 -20.25 13.96
CA ASN C 200 4.43 -19.52 12.99
C ASN C 200 3.76 -18.18 12.65
N PRO C 201 3.92 -17.18 13.54
CA PRO C 201 3.30 -15.87 13.33
C PRO C 201 3.53 -15.22 11.96
N ASN C 202 4.64 -15.49 11.29
CA ASN C 202 5.07 -14.81 10.04
C ASN C 202 4.70 -15.63 8.79
N ALA C 203 4.09 -16.80 8.94
CA ALA C 203 3.75 -17.67 7.79
C ALA C 203 2.72 -16.99 6.91
N ILE C 204 2.94 -17.00 5.60
CA ILE C 204 1.97 -16.58 4.55
C ILE C 204 1.26 -17.84 4.07
N SER C 205 -0.06 -17.80 3.98
CA SER C 205 -0.94 -18.93 3.62
C SER C 205 -1.46 -18.66 2.22
N LEU C 206 -1.37 -19.65 1.33
CA LEU C 206 -1.86 -19.59 -0.07
C LEU C 206 -3.13 -20.42 -0.15
N VAL C 207 -4.24 -19.74 -0.48
CA VAL C 207 -5.58 -20.36 -0.44
C VAL C 207 -6.09 -20.46 -1.88
N ALA C 208 -6.73 -21.57 -2.21
CA ALA C 208 -7.22 -21.88 -3.57
C ALA C 208 -8.74 -22.01 -3.57
N GLY C 209 -9.32 -21.73 -4.72
CA GLY C 209 -10.73 -21.98 -5.03
C GLY C 209 -10.89 -23.24 -5.85
N PHE C 210 -12.04 -23.41 -6.48
CA PHE C 210 -12.51 -24.68 -7.06
C PHE C 210 -12.16 -24.67 -8.57
N ASN C 211 -12.72 -25.65 -9.29
CA ASN C 211 -12.33 -25.99 -10.68
C ASN C 211 -10.82 -26.22 -10.71
N TRP C 212 -10.29 -27.00 -9.75
CA TRP C 212 -8.85 -27.35 -9.65
C TRP C 212 -8.02 -26.08 -9.43
N ALA C 213 -8.33 -25.34 -8.37
CA ALA C 213 -7.62 -24.10 -7.94
C ALA C 213 -7.53 -23.12 -9.12
N TYR C 214 -8.61 -22.94 -9.87
CA TYR C 214 -8.63 -22.00 -11.01
C TYR C 214 -9.37 -20.72 -10.58
N ASP C 215 -10.60 -20.86 -10.07
CA ASP C 215 -11.58 -19.76 -9.84
C ASP C 215 -11.31 -19.04 -8.52
N LEU C 216 -11.37 -17.70 -8.54
CA LEU C 216 -11.28 -16.84 -7.33
C LEU C 216 -12.52 -15.94 -7.18
N ARG C 217 -13.54 -16.10 -8.02
CA ARG C 217 -14.74 -15.24 -7.90
C ARG C 217 -15.47 -15.53 -6.59
N GLU C 218 -15.58 -16.79 -6.16
CA GLU C 218 -16.29 -17.09 -4.88
C GLU C 218 -15.45 -16.54 -3.71
N ALA C 219 -14.13 -16.63 -3.81
CA ALA C 219 -13.17 -16.12 -2.79
C ALA C 219 -13.34 -14.60 -2.62
N ALA C 220 -13.38 -13.88 -3.73
CA ALA C 220 -13.52 -12.40 -3.72
C ALA C 220 -14.83 -12.02 -3.04
N ALA C 221 -15.89 -12.80 -3.21
CA ALA C 221 -17.23 -12.46 -2.68
C ALA C 221 -17.28 -12.74 -1.17
N ASN C 222 -16.36 -13.55 -0.64
CA ASN C 222 -16.40 -13.96 0.79
C ASN C 222 -15.00 -14.35 1.26
N PRO C 223 -14.08 -13.38 1.30
CA PRO C 223 -12.66 -13.68 1.50
C PRO C 223 -12.32 -14.19 2.91
N ILE C 224 -11.18 -14.86 2.98
CA ILE C 224 -10.61 -15.52 4.18
C ILE C 224 -10.36 -14.40 5.21
N GLU C 225 -10.91 -14.54 6.42
CA GLU C 225 -10.73 -13.53 7.49
C GLU C 225 -9.47 -13.90 8.29
N ARG C 226 -8.33 -13.84 7.66
CA ARG C 226 -7.05 -14.05 8.34
C ARG C 226 -6.06 -13.07 7.74
N ASN C 227 -5.04 -12.68 8.52
CA ASN C 227 -3.88 -11.90 8.04
C ASN C 227 -2.97 -12.81 7.22
N ASN C 228 -2.18 -12.21 6.33
CA ASN C 228 -1.09 -12.92 5.61
C ASN C 228 -1.68 -14.02 4.73
N VAL C 229 -2.72 -13.68 3.97
CA VAL C 229 -3.34 -14.61 2.99
C VAL C 229 -3.16 -14.03 1.59
N ALA C 230 -2.72 -14.89 0.66
CA ALA C 230 -2.73 -14.63 -0.79
C ALA C 230 -3.51 -15.78 -1.44
N TYR C 231 -3.94 -15.60 -2.69
CA TYR C 231 -4.86 -16.51 -3.40
C TYR C 231 -4.12 -17.14 -4.58
N VAL C 232 -4.44 -18.41 -4.80
CA VAL C 232 -3.87 -19.29 -5.87
C VAL C 232 -4.82 -19.37 -7.05
N SER C 233 -4.25 -19.47 -8.25
CA SER C 233 -4.92 -20.00 -9.46
C SER C 233 -3.92 -20.89 -10.19
N HIS C 234 -4.46 -21.88 -10.90
CA HIS C 234 -3.73 -22.79 -11.83
C HIS C 234 -4.30 -22.60 -13.23
N PRO C 235 -4.07 -21.42 -13.85
CA PRO C 235 -4.64 -21.10 -15.15
C PRO C 235 -3.83 -21.78 -16.28
N TYR C 236 -3.97 -23.10 -16.34
CA TYR C 236 -3.40 -23.93 -17.43
C TYR C 236 -4.06 -23.54 -18.77
N PRO C 237 -3.35 -23.75 -19.90
CA PRO C 237 -3.78 -23.28 -21.22
C PRO C 237 -5.22 -23.52 -21.64
N GLN C 238 -5.81 -24.65 -21.23
CA GLN C 238 -7.12 -25.11 -21.75
C GLN C 238 -8.18 -25.06 -20.64
N LYS C 239 -7.88 -24.38 -19.55
CA LYS C 239 -8.88 -24.08 -18.49
C LYS C 239 -9.97 -23.22 -19.12
N VAL C 240 -9.56 -22.25 -19.93
CA VAL C 240 -10.46 -21.45 -20.82
C VAL C 240 -9.82 -21.33 -22.20
N GLY C 241 -10.65 -20.97 -23.18
CA GLY C 241 -10.21 -20.63 -24.54
C GLY C 241 -10.09 -19.12 -24.72
N ALA C 242 -9.85 -18.67 -25.95
CA ALA C 242 -9.85 -17.25 -26.35
C ALA C 242 -11.24 -16.67 -26.13
N PRO C 243 -11.37 -15.38 -25.73
CA PRO C 243 -10.21 -14.50 -25.52
C PRO C 243 -9.56 -14.71 -24.13
N TYR C 244 -8.28 -15.01 -24.12
CA TYR C 244 -7.57 -15.57 -22.94
C TYR C 244 -7.57 -14.56 -21.79
N GLN C 245 -7.02 -13.38 -22.06
CA GLN C 245 -6.70 -12.37 -21.04
C GLN C 245 -8.00 -11.91 -20.38
N ALA C 246 -9.07 -11.72 -21.16
CA ALA C 246 -10.38 -11.26 -20.64
C ALA C 246 -10.96 -12.36 -19.74
N ASN C 247 -10.87 -13.62 -20.18
CA ASN C 247 -11.40 -14.79 -19.45
C ASN C 247 -10.59 -14.95 -18.14
N TRP C 248 -9.25 -14.97 -18.19
CA TRP C 248 -8.36 -15.02 -17.00
C TRP C 248 -8.71 -13.90 -16.01
N GLU C 249 -8.82 -12.66 -16.50
CA GLU C 249 -9.14 -11.48 -15.67
C GLU C 249 -10.45 -11.74 -14.93
N ARG C 250 -11.50 -12.19 -15.64
CA ARG C 250 -12.83 -12.45 -15.04
C ARG C 250 -12.69 -13.51 -13.95
N ASP C 251 -11.95 -14.59 -14.23
CA ASP C 251 -11.99 -15.84 -13.43
C ASP C 251 -11.08 -15.74 -12.19
N PHE C 252 -9.91 -15.12 -12.31
CA PHE C 252 -8.96 -15.02 -11.17
C PHE C 252 -8.17 -13.71 -11.16
N GLY C 253 -7.75 -13.20 -12.33
CA GLY C 253 -6.77 -12.09 -12.42
C GLY C 253 -7.17 -10.83 -11.65
N PHE C 254 -8.46 -10.44 -11.72
CA PHE C 254 -9.04 -9.24 -11.04
C PHE C 254 -8.69 -9.26 -9.55
N MET C 255 -8.53 -10.44 -8.96
CA MET C 255 -8.30 -10.63 -7.50
C MET C 255 -6.94 -10.01 -7.14
N ALA C 256 -5.99 -9.92 -8.09
CA ALA C 256 -4.64 -9.35 -7.86
C ALA C 256 -4.72 -7.84 -7.51
N ASP C 257 -5.86 -7.21 -7.79
CA ASP C 257 -6.07 -5.77 -7.47
C ASP C 257 -6.41 -5.60 -5.98
N LYS C 258 -6.75 -6.67 -5.24
CA LYS C 258 -7.27 -6.60 -3.83
C LYS C 258 -6.33 -7.39 -2.89
N TYR C 259 -5.87 -8.57 -3.33
CA TYR C 259 -5.00 -9.52 -2.60
C TYR C 259 -3.90 -10.02 -3.54
N PRO C 260 -2.71 -10.46 -3.04
CA PRO C 260 -1.69 -11.03 -3.91
C PRO C 260 -2.24 -12.32 -4.53
N VAL C 261 -1.92 -12.54 -5.82
CA VAL C 261 -2.20 -13.82 -6.50
C VAL C 261 -0.86 -14.52 -6.78
N PHE C 262 -0.78 -15.76 -6.31
CA PHE C 262 0.35 -16.67 -6.56
C PHE C 262 -0.16 -17.82 -7.44
N ALA C 263 0.10 -17.73 -8.74
CA ALA C 263 -0.24 -18.78 -9.73
C ALA C 263 0.73 -19.96 -9.54
N THR C 264 0.44 -20.83 -8.57
CA THR C 264 1.42 -21.83 -8.09
C THR C 264 1.57 -22.98 -9.09
N GLU C 265 0.75 -23.04 -10.15
CA GLU C 265 1.03 -23.92 -11.32
C GLU C 265 0.65 -23.21 -12.62
N ILE C 266 1.62 -23.04 -13.51
CA ILE C 266 1.37 -22.79 -14.96
C ILE C 266 2.28 -23.72 -15.74
N GLY C 267 1.84 -24.18 -16.89
CA GLY C 267 2.69 -24.98 -17.79
C GLY C 267 1.96 -25.32 -19.06
N TYR C 268 2.70 -25.84 -20.04
CA TYR C 268 2.21 -26.12 -21.41
C TYR C 268 3.23 -26.99 -22.16
N GLN C 269 2.71 -27.74 -23.12
CA GLN C 269 3.51 -28.55 -24.08
C GLN C 269 2.60 -28.82 -25.28
N LEU C 270 3.20 -29.31 -26.38
CA LEU C 270 2.43 -29.67 -27.60
C LEU C 270 1.63 -30.95 -27.30
N ALA C 271 0.54 -31.17 -28.05
CA ALA C 271 -0.31 -32.39 -28.05
C ALA C 271 0.54 -33.67 -28.25
N SER C 272 1.67 -33.57 -28.96
CA SER C 272 2.58 -34.68 -29.35
C SER C 272 3.60 -35.01 -28.24
N ASP C 273 3.84 -34.10 -27.28
CA ASP C 273 4.88 -34.27 -26.21
C ASP C 273 4.45 -35.37 -25.21
N LYS C 274 5.41 -35.88 -24.45
CA LYS C 274 5.22 -37.03 -23.52
C LYS C 274 4.19 -36.69 -22.42
N GLY C 275 3.17 -37.55 -22.27
CA GLY C 275 2.10 -37.45 -21.26
C GLY C 275 1.17 -36.28 -21.51
N ALA C 276 1.17 -35.68 -22.71
CA ALA C 276 0.29 -34.54 -23.06
C ALA C 276 -1.16 -34.88 -22.69
N HIS C 277 -1.84 -33.97 -22.00
CA HIS C 277 -3.22 -34.18 -21.54
C HIS C 277 -3.92 -32.83 -21.38
N ILE C 278 -5.24 -32.83 -21.38
CA ILE C 278 -6.04 -31.64 -20.95
C ILE C 278 -5.77 -31.46 -19.45
N PRO C 279 -5.51 -30.25 -18.94
CA PRO C 279 -5.59 -28.99 -19.69
C PRO C 279 -4.27 -28.26 -20.03
N VAL C 280 -3.22 -29.03 -20.33
CA VAL C 280 -1.85 -28.44 -20.43
C VAL C 280 -1.40 -28.44 -21.90
N ILE C 281 -2.29 -28.75 -22.84
CA ILE C 281 -1.95 -28.79 -24.29
C ILE C 281 -2.10 -27.39 -24.89
N ASP C 282 -1.16 -26.98 -25.73
CA ASP C 282 -1.14 -25.64 -26.38
C ASP C 282 -0.19 -25.69 -27.58
N ASP C 283 -0.25 -24.66 -28.44
CA ASP C 283 0.64 -24.54 -29.63
C ASP C 283 1.98 -23.91 -29.20
N GLY C 284 2.07 -23.26 -28.04
CA GLY C 284 3.30 -22.60 -27.53
C GLY C 284 3.11 -21.11 -27.24
N SER C 285 2.03 -20.50 -27.76
CA SER C 285 1.71 -19.06 -27.59
C SER C 285 1.30 -18.72 -26.14
N TYR C 286 0.78 -19.71 -25.39
CA TYR C 286 0.37 -19.53 -23.96
C TYR C 286 1.54 -19.03 -23.10
N GLY C 287 2.73 -19.60 -23.29
CA GLY C 287 3.95 -19.21 -22.56
C GLY C 287 4.11 -17.69 -22.45
N PRO C 288 4.44 -17.00 -23.56
CA PRO C 288 4.53 -15.54 -23.57
C PRO C 288 3.25 -14.84 -23.11
N ARG C 289 2.08 -15.39 -23.50
CA ARG C 289 0.80 -14.73 -23.17
C ARG C 289 0.62 -14.64 -21.64
N ILE C 290 0.79 -15.76 -20.92
CA ILE C 290 0.50 -15.85 -19.46
C ILE C 290 1.56 -15.04 -18.70
N THR C 291 2.78 -15.09 -19.18
CA THR C 291 3.96 -14.38 -18.61
C THR C 291 3.76 -12.86 -18.75
N ASP C 292 3.27 -12.40 -19.91
CA ASP C 292 3.03 -10.96 -20.17
C ASP C 292 1.81 -10.50 -19.36
N TYR C 293 0.73 -11.29 -19.35
CA TYR C 293 -0.45 -11.00 -18.52
C TYR C 293 -0.05 -10.81 -17.04
N PHE C 294 0.79 -11.69 -16.49
CA PHE C 294 1.20 -11.67 -15.06
C PHE C 294 2.08 -10.43 -14.81
N ALA C 295 2.89 -10.03 -15.80
CA ALA C 295 3.73 -8.80 -15.73
C ALA C 295 2.82 -7.56 -15.59
N LYS C 296 1.77 -7.44 -16.40
CA LYS C 296 0.77 -6.34 -16.32
C LYS C 296 0.10 -6.30 -14.94
N LYS C 297 -0.12 -7.47 -14.34
CA LYS C 297 -0.97 -7.66 -13.13
C LYS C 297 -0.12 -7.65 -11.85
N GLY C 298 1.21 -7.79 -11.94
CA GLY C 298 2.09 -7.92 -10.76
C GLY C 298 1.93 -9.26 -10.02
N ILE C 299 1.57 -10.32 -10.77
CA ILE C 299 1.24 -11.68 -10.26
C ILE C 299 2.50 -12.56 -10.21
N SER C 300 2.75 -13.18 -9.06
CA SER C 300 3.80 -14.21 -8.82
C SER C 300 3.36 -15.56 -9.41
N TRP C 301 4.33 -16.37 -9.88
CA TRP C 301 3.99 -17.64 -10.58
C TRP C 301 5.08 -18.71 -10.40
N VAL C 302 4.67 -19.95 -10.61
CA VAL C 302 5.49 -21.17 -10.44
C VAL C 302 5.14 -22.12 -11.58
N ALA C 303 6.12 -22.39 -12.43
CA ALA C 303 5.97 -23.27 -13.60
C ALA C 303 5.97 -24.70 -13.10
N TRP C 304 5.15 -25.57 -13.69
CA TRP C 304 4.99 -26.97 -13.27
C TRP C 304 5.78 -27.90 -14.19
N VAL C 305 6.94 -28.21 -13.62
CA VAL C 305 7.60 -29.44 -13.10
C VAL C 305 8.96 -29.53 -13.75
N PHE C 306 9.91 -29.14 -12.93
CA PHE C 306 11.35 -29.41 -13.04
C PHE C 306 11.59 -30.91 -12.81
N ASP C 307 11.12 -31.69 -13.78
CA ASP C 307 11.13 -33.17 -13.78
C ASP C 307 11.00 -33.62 -15.24
N PRO C 308 11.73 -34.66 -15.67
CA PRO C 308 11.64 -35.14 -17.04
C PRO C 308 10.54 -36.17 -17.31
N ASP C 309 9.83 -36.63 -16.27
CA ASP C 309 8.78 -37.69 -16.40
C ASP C 309 7.38 -37.04 -16.31
N TRP C 310 7.09 -36.31 -15.22
CA TRP C 310 5.74 -35.73 -14.97
C TRP C 310 5.45 -34.66 -16.04
N SER C 311 4.22 -34.64 -16.52
CA SER C 311 3.72 -33.75 -17.60
C SER C 311 3.04 -32.52 -17.00
N PRO C 312 3.26 -31.31 -17.56
CA PRO C 312 4.25 -31.05 -18.60
C PRO C 312 5.68 -30.88 -18.07
N GLN C 313 6.66 -31.43 -18.78
CA GLN C 313 8.10 -31.45 -18.40
C GLN C 313 8.73 -30.09 -18.73
N MET C 314 9.56 -29.59 -17.82
CA MET C 314 10.38 -28.38 -18.01
C MET C 314 11.76 -28.76 -18.56
N ILE C 315 12.17 -30.02 -18.37
CA ILE C 315 13.48 -30.59 -18.77
C ILE C 315 13.25 -31.89 -19.56
N LYS C 316 14.08 -32.14 -20.57
CA LYS C 316 13.95 -33.29 -21.51
C LYS C 316 14.47 -34.58 -20.85
N SER C 317 15.40 -34.47 -19.92
CA SER C 317 16.11 -35.64 -19.29
C SER C 317 16.83 -35.16 -18.03
N TRP C 318 17.59 -36.03 -17.36
CA TRP C 318 18.42 -35.63 -16.20
C TRP C 318 19.66 -34.85 -16.61
N ASP C 319 19.85 -34.55 -17.89
CA ASP C 319 20.98 -33.68 -18.33
C ASP C 319 20.47 -32.24 -18.36
N TYR C 320 19.18 -32.03 -18.09
CA TYR C 320 18.56 -30.71 -17.71
C TYR C 320 18.44 -29.77 -18.93
N GLU C 321 18.35 -30.33 -20.14
CA GLU C 321 18.08 -29.54 -21.38
C GLU C 321 16.66 -29.01 -21.26
N PRO C 322 16.43 -27.70 -21.43
CA PRO C 322 15.06 -27.18 -21.38
C PRO C 322 14.16 -27.63 -22.54
N THR C 323 12.88 -27.88 -22.22
CA THR C 323 11.76 -28.12 -23.18
C THR C 323 11.30 -26.77 -23.71
N MET C 324 10.30 -26.75 -24.57
CA MET C 324 9.73 -25.47 -25.05
C MET C 324 9.39 -24.59 -23.82
N GLN C 325 8.68 -25.13 -22.83
CA GLN C 325 8.16 -24.33 -21.69
C GLN C 325 9.33 -23.94 -20.77
N GLY C 326 10.28 -24.83 -20.58
CA GLY C 326 11.51 -24.53 -19.82
C GLY C 326 12.26 -23.33 -20.39
N GLU C 327 12.44 -23.29 -21.71
CA GLU C 327 13.17 -22.19 -22.41
C GLU C 327 12.49 -20.91 -22.01
N HIS C 328 11.16 -20.84 -22.19
CA HIS C 328 10.38 -19.59 -22.01
C HIS C 328 10.46 -19.13 -20.56
N PHE C 329 10.17 -20.03 -19.59
CA PHE C 329 10.10 -19.63 -18.16
C PHE C 329 11.51 -19.23 -17.71
N ARG C 330 12.55 -19.90 -18.20
CA ARG C 330 13.95 -19.57 -17.80
C ARG C 330 14.29 -18.15 -18.26
N LYS C 331 13.98 -17.82 -19.52
CA LYS C 331 14.26 -16.48 -20.14
C LYS C 331 13.60 -15.44 -19.25
N VAL C 332 12.33 -15.63 -18.89
CA VAL C 332 11.58 -14.66 -18.03
C VAL C 332 12.20 -14.61 -16.63
N MET C 333 12.54 -15.73 -16.01
CA MET C 333 13.12 -15.71 -14.63
C MET C 333 14.49 -15.00 -14.65
N LEU C 334 15.33 -15.29 -15.66
CA LEU C 334 16.68 -14.68 -15.76
C LEU C 334 16.54 -13.18 -15.96
N LYS C 335 15.64 -12.74 -16.82
CA LYS C 335 15.50 -11.29 -17.13
C LYS C 335 14.90 -10.55 -15.93
N GLU C 336 13.80 -11.07 -15.35
CA GLU C 336 12.85 -10.28 -14.50
C GLU C 336 13.11 -10.49 -13.00
N ASN C 337 13.73 -11.60 -12.55
CA ASN C 337 14.03 -11.80 -11.11
C ASN C 337 15.22 -10.92 -10.74
N LYS C 338 14.94 -9.96 -9.83
CA LYS C 338 15.85 -8.91 -9.30
C LYS C 338 17.26 -9.50 -9.07
N LEU C 339 17.36 -10.52 -8.20
CA LEU C 339 18.62 -11.17 -7.72
C LEU C 339 19.11 -10.47 -6.44
#